data_7FSK
#
_entry.id   7FSK
#
_cell.length_a   80.455
_cell.length_b   49.695
_cell.length_c   115.832
_cell.angle_alpha   90.000
_cell.angle_beta   94.886
_cell.angle_gamma   90.000
#
_symmetry.space_group_name_H-M   'P 1 21 1'
#
loop_
_entity.id
_entity.type
_entity.pdbx_description
1 polymer Syntenin-1
2 non-polymer 1,2-ETHANEDIOL
3 non-polymer 'SULFATE ION'
4 non-polymer 'D-GLUTAMIC ACID'
5 non-polymer 5-methoxy-1,3-benzothiazol-2-amine
6 non-polymer GLYCINE
7 non-polymer ALANINE
8 water water
#
_entity_poly.entity_id   1
_entity_poly.type   'polypeptide(L)'
_entity_poly.pdbx_seq_one_letter_code
;SMAEIKQGIREVILCKDQDGKIGLRLKSIDNGIFVQLVQANSPASLVGLRFGDQVLQINGENCAGWSSDKAHKVLKQAFG
EKITMTIRDRPFERTITMHKDSTGHVGFIFKNGKITSIVKDSSAARNGLLTEHNICEINGQNVIGLKDSQIADILSTSGT
VVTITIMPAFIFEHIIKRMAPSIMKSLMDHTIPEV
;
_entity_poly.pdbx_strand_id   A,B,C,D
#
# COMPACT_ATOMS: atom_id res chain seq x y z
N ILE A 5 14.53 -7.34 24.07
CA ILE A 5 14.51 -6.91 22.64
C ILE A 5 15.91 -6.36 22.28
N LYS A 6 16.68 -7.17 21.52
CA LYS A 6 18.03 -6.81 21.11
C LYS A 6 17.98 -5.99 19.82
N GLN A 7 18.85 -4.98 19.71
CA GLN A 7 18.68 -3.86 18.77
C GLN A 7 19.04 -4.21 17.32
N GLY A 8 20.10 -5.00 17.13
CA GLY A 8 20.51 -5.35 15.79
C GLY A 8 19.66 -6.43 15.13
N ILE A 9 20.32 -7.01 14.13
CA ILE A 9 19.79 -7.86 13.08
C ILE A 9 20.43 -9.25 13.21
N ARG A 10 19.67 -10.33 13.02
CA ARG A 10 20.23 -11.68 13.12
C ARG A 10 19.83 -12.46 11.87
N GLU A 11 20.63 -13.48 11.52
CA GLU A 11 20.30 -14.40 10.43
C GLU A 11 19.69 -15.65 11.06
N VAL A 12 18.60 -16.17 10.48
CA VAL A 12 18.09 -17.49 10.83
C VAL A 12 18.06 -18.37 9.57
N ILE A 13 18.13 -19.70 9.77
CA ILE A 13 18.14 -20.68 8.69
C ILE A 13 17.06 -21.73 8.98
N LEU A 14 16.18 -21.99 8.00
CA LEU A 14 15.03 -22.89 8.16
C LEU A 14 15.07 -23.99 7.11
N CYS A 15 14.54 -25.16 7.46
CA CYS A 15 14.10 -26.17 6.51
C CYS A 15 12.57 -26.25 6.58
N LYS A 16 11.89 -26.30 5.43
CA LYS A 16 10.49 -26.67 5.39
C LYS A 16 10.33 -28.05 6.02
N ASP A 17 9.21 -28.31 6.70
CA ASP A 17 8.98 -29.60 7.34
C ASP A 17 8.58 -30.60 6.23
N GLN A 18 8.09 -31.77 6.63
CA GLN A 18 7.75 -32.82 5.68
C GLN A 18 6.52 -32.43 4.86
N ASP A 19 5.74 -31.46 5.35
CA ASP A 19 4.51 -31.03 4.68
C ASP A 19 4.78 -29.84 3.73
N GLY A 20 5.99 -29.26 3.75
CA GLY A 20 6.34 -28.09 2.95
C GLY A 20 6.05 -26.75 3.63
N LYS A 21 5.76 -26.80 4.94
CA LYS A 21 5.39 -25.63 5.73
C LYS A 21 6.59 -25.17 6.55
N ILE A 22 6.66 -23.85 6.81
CA ILE A 22 7.58 -23.34 7.82
C ILE A 22 6.80 -22.82 9.03
N GLY A 23 5.49 -22.57 8.90
CA GLY A 23 4.65 -22.21 10.05
C GLY A 23 4.65 -20.71 10.34
N LEU A 24 4.68 -19.89 9.28
CA LEU A 24 4.74 -18.43 9.36
C LEU A 24 3.57 -17.85 8.57
N ARG A 25 3.01 -16.77 9.10
CA ARG A 25 2.29 -15.80 8.27
C ARG A 25 2.98 -14.45 8.42
N LEU A 26 2.92 -13.66 7.34
CA LEU A 26 3.65 -12.42 7.20
C LEU A 26 2.65 -11.32 6.86
N LYS A 27 2.96 -10.08 7.24
CA LYS A 27 2.10 -8.94 6.96
C LYS A 27 2.94 -7.75 6.52
N SER A 28 2.51 -7.06 5.45
CA SER A 28 3.08 -5.79 5.05
C SER A 28 2.65 -4.68 6.01
N ILE A 29 3.63 -3.97 6.59
CA ILE A 29 3.39 -2.80 7.44
C ILE A 29 4.42 -1.72 7.07
N ASP A 30 3.96 -0.55 6.64
CA ASP A 30 4.84 0.59 6.42
C ASP A 30 5.99 0.22 5.47
N ASN A 31 5.70 -0.62 4.45
CA ASN A 31 6.64 -1.04 3.41
C ASN A 31 7.75 -1.95 3.97
N GLY A 32 7.51 -2.51 5.17
CA GLY A 32 8.30 -3.61 5.67
C GLY A 32 7.44 -4.86 5.68
N ILE A 33 8.09 -5.97 6.05
CA ILE A 33 7.37 -7.23 6.23
C ILE A 33 7.57 -7.71 7.68
N PHE A 34 6.46 -8.04 8.34
CA PHE A 34 6.46 -8.38 9.75
C PHE A 34 5.76 -9.72 9.97
N VAL A 35 6.19 -10.44 11.02
CA VAL A 35 5.60 -11.72 11.39
C VAL A 35 4.26 -11.46 12.11
N GLN A 36 3.20 -12.03 11.53
CA GLN A 36 1.84 -11.90 12.01
C GLN A 36 1.47 -13.11 12.86
N LEU A 37 2.02 -14.29 12.51
CA LEU A 37 1.75 -15.49 13.28
C LEU A 37 2.89 -16.51 13.11
N VAL A 38 3.35 -17.06 14.25
CA VAL A 38 4.24 -18.21 14.26
C VAL A 38 3.49 -19.40 14.85
N GLN A 39 3.47 -20.52 14.09
CA GLN A 39 2.79 -21.76 14.49
C GLN A 39 3.68 -22.54 15.48
N ALA A 40 3.02 -23.17 16.47
CA ALA A 40 3.68 -24.07 17.42
C ALA A 40 4.24 -25.30 16.69
N ASN A 41 5.43 -25.75 17.12
CA ASN A 41 6.09 -26.97 16.63
C ASN A 41 6.44 -26.83 15.15
N SER A 42 6.71 -25.59 14.70
CA SER A 42 7.01 -25.33 13.30
C SER A 42 8.49 -25.05 13.17
N PRO A 43 9.08 -25.19 11.96
CA PRO A 43 10.44 -24.72 11.71
C PRO A 43 10.69 -23.28 12.12
N ALA A 44 9.64 -22.43 12.04
CA ALA A 44 9.76 -21.02 12.40
C ALA A 44 9.86 -20.84 13.93
N SER A 45 9.08 -21.59 14.72
CA SER A 45 9.21 -21.55 16.18
C SER A 45 10.58 -22.09 16.63
N LEU A 46 11.04 -23.21 16.06
CA LEU A 46 12.28 -23.87 16.48
C LEU A 46 13.50 -22.95 16.31
N VAL A 47 13.49 -22.09 15.29
CA VAL A 47 14.62 -21.21 14.99
C VAL A 47 14.46 -19.87 15.72
N GLY A 48 13.30 -19.64 16.36
CA GLY A 48 13.16 -18.59 17.35
C GLY A 48 12.48 -17.32 16.83
N LEU A 49 11.70 -17.44 15.73
CA LEU A 49 10.95 -16.32 15.16
C LEU A 49 9.77 -16.02 16.07
N ARG A 50 9.44 -14.72 16.17
CA ARG A 50 8.42 -14.26 17.09
C ARG A 50 7.48 -13.30 16.37
N PHE A 51 6.22 -13.31 16.83
CA PHE A 51 5.27 -12.29 16.46
C PHE A 51 5.94 -10.92 16.55
N GLY A 52 5.80 -10.11 15.49
CA GLY A 52 6.28 -8.74 15.53
C GLY A 52 7.70 -8.57 14.97
N ASP A 53 8.39 -9.69 14.69
CA ASP A 53 9.71 -9.66 14.10
C ASP A 53 9.61 -9.06 12.68
N GLN A 54 10.64 -8.30 12.27
CA GLN A 54 10.70 -7.77 10.93
C GLN A 54 11.60 -8.67 10.06
N VAL A 55 11.11 -9.06 8.89
CA VAL A 55 11.89 -9.81 7.90
C VAL A 55 12.45 -8.84 6.85
N LEU A 56 13.78 -8.66 6.90
CA LEU A 56 14.48 -7.72 6.04
C LEU A 56 14.83 -8.37 4.70
N GLN A 57 15.30 -9.62 4.76
CA GLN A 57 15.61 -10.40 3.56
C GLN A 57 15.13 -11.85 3.70
N ILE A 58 14.78 -12.43 2.55
CA ILE A 58 14.50 -13.85 2.37
C ILE A 58 15.40 -14.36 1.25
N ASN A 59 16.32 -15.26 1.58
CA ASN A 59 17.30 -15.78 0.64
C ASN A 59 18.08 -14.64 0.00
N GLY A 60 18.40 -13.59 0.78
CA GLY A 60 19.27 -12.51 0.32
C GLY A 60 18.55 -11.44 -0.49
N GLU A 61 17.22 -11.53 -0.67
CA GLU A 61 16.43 -10.54 -1.40
C GLU A 61 15.73 -9.60 -0.41
N ASN A 62 15.83 -8.29 -0.64
CA ASN A 62 15.22 -7.31 0.24
C ASN A 62 13.69 -7.41 0.18
N CYS A 63 13.04 -7.33 1.35
CA CYS A 63 11.59 -7.49 1.46
C CYS A 63 10.86 -6.15 1.33
N ALA A 64 11.62 -5.05 1.28
CA ALA A 64 11.04 -3.72 1.24
C ALA A 64 10.02 -3.61 0.11
N GLY A 65 8.82 -3.19 0.47
CA GLY A 65 7.77 -2.85 -0.47
C GLY A 65 6.91 -4.05 -0.87
N TRP A 66 7.26 -5.26 -0.40
CA TRP A 66 6.52 -6.46 -0.77
C TRP A 66 5.14 -6.39 -0.13
N SER A 67 4.11 -6.86 -0.87
CA SER A 67 2.81 -7.13 -0.27
C SER A 67 2.91 -8.45 0.50
N SER A 68 1.93 -8.69 1.40
CA SER A 68 1.81 -9.96 2.10
C SER A 68 1.77 -11.13 1.12
N ASP A 69 0.92 -11.01 0.07
CA ASP A 69 0.74 -12.03 -0.95
C ASP A 69 2.06 -12.42 -1.60
N LYS A 70 2.92 -11.42 -1.85
CA LYS A 70 4.21 -11.65 -2.51
C LYS A 70 5.22 -12.29 -1.56
N ALA A 71 5.16 -11.93 -0.28
CA ALA A 71 6.06 -12.53 0.70
C ALA A 71 5.73 -14.03 0.86
N HIS A 72 4.43 -14.36 0.96
CA HIS A 72 3.96 -15.75 1.03
C HIS A 72 4.28 -16.55 -0.23
N LYS A 73 4.10 -15.92 -1.40
CA LYS A 73 4.39 -16.56 -2.68
C LYS A 73 5.88 -16.88 -2.76
N VAL A 74 6.75 -15.98 -2.27
CA VAL A 74 8.20 -16.19 -2.33
C VAL A 74 8.61 -17.35 -1.42
N LEU A 75 7.96 -17.46 -0.25
CA LEU A 75 8.25 -18.54 0.70
C LEU A 75 7.85 -19.89 0.08
N LYS A 76 6.70 -19.90 -0.60
CA LYS A 76 6.18 -21.11 -1.21
C LYS A 76 7.10 -21.59 -2.34
N GLN A 77 7.76 -20.68 -3.06
CA GLN A 77 8.54 -21.02 -4.24
C GLN A 77 10.03 -21.24 -3.93
N ALA A 78 10.43 -21.03 -2.67
CA ALA A 78 11.80 -21.32 -2.25
C ALA A 78 11.99 -22.83 -2.16
N PHE A 79 13.17 -23.32 -2.60
CA PHE A 79 13.56 -24.70 -2.30
C PHE A 79 13.63 -24.90 -0.78
N GLY A 80 13.02 -25.98 -0.29
CA GLY A 80 12.75 -26.15 1.13
C GLY A 80 14.00 -26.44 1.97
N GLU A 81 15.06 -26.92 1.30
CA GLU A 81 16.33 -27.34 1.89
C GLU A 81 16.85 -26.30 2.90
N LYS A 82 17.30 -25.13 2.40
CA LYS A 82 17.84 -24.07 3.24
C LYS A 82 17.27 -22.71 2.82
N ILE A 83 16.51 -22.10 3.73
CA ILE A 83 15.98 -20.74 3.59
C ILE A 83 16.67 -19.82 4.60
N THR A 84 17.40 -18.81 4.12
CA THR A 84 17.99 -17.81 5.02
C THR A 84 17.06 -16.62 5.12
N MET A 85 16.84 -16.15 6.36
CA MET A 85 16.07 -14.94 6.62
C MET A 85 16.90 -14.00 7.47
N THR A 86 16.85 -12.71 7.13
CA THR A 86 17.49 -11.70 7.96
C THR A 86 16.40 -10.96 8.74
N ILE A 87 16.59 -10.92 10.06
CA ILE A 87 15.54 -10.60 11.03
C ILE A 87 15.98 -9.41 11.88
N ARG A 88 15.14 -8.37 11.99
CA ARG A 88 15.26 -7.35 13.01
C ARG A 88 14.25 -7.67 14.11
N ASP A 89 14.73 -7.67 15.36
CA ASP A 89 13.99 -8.19 16.49
C ASP A 89 12.91 -7.20 16.95
N ARG A 90 11.65 -7.71 16.97
CA ARG A 90 10.43 -7.03 17.39
C ARG A 90 10.60 -5.51 17.46
N PRO A 91 10.69 -4.82 16.30
CA PRO A 91 10.97 -3.39 16.26
C PRO A 91 9.85 -2.49 16.81
N PHE A 92 8.59 -2.95 16.75
CA PHE A 92 7.44 -2.17 17.23
C PHE A 92 7.11 -2.46 18.71
N GLU A 93 7.95 -3.23 19.41
CA GLU A 93 7.65 -3.64 20.77
C GLU A 93 8.73 -3.16 21.73
N ARG A 94 8.37 -3.09 23.03
CA ARG A 94 9.27 -2.78 24.12
C ARG A 94 8.99 -3.68 25.32
N THR A 95 10.01 -3.90 26.16
CA THR A 95 9.85 -4.79 27.31
C THR A 95 10.02 -4.00 28.61
N ILE A 96 9.08 -4.20 29.54
CA ILE A 96 9.03 -3.49 30.81
C ILE A 96 9.21 -4.51 31.92
N THR A 97 10.16 -4.28 32.86
CA THR A 97 10.31 -5.13 34.03
C THR A 97 9.62 -4.49 35.26
N MET A 98 8.82 -5.32 35.95
CA MET A 98 8.04 -4.91 37.11
C MET A 98 8.23 -5.93 38.24
N HIS A 99 7.99 -5.50 39.49
CA HIS A 99 7.99 -6.39 40.64
C HIS A 99 6.60 -6.43 41.25
N LYS A 100 6.09 -7.64 41.53
CA LYS A 100 4.84 -7.77 42.26
C LYS A 100 5.02 -7.22 43.68
N ASP A 101 3.93 -6.67 44.23
CA ASP A 101 3.91 -6.19 45.61
C ASP A 101 3.64 -7.40 46.53
N SER A 102 3.24 -7.13 47.79
CA SER A 102 2.92 -8.19 48.73
C SER A 102 1.58 -8.87 48.39
N THR A 103 0.62 -8.09 47.83
CA THR A 103 -0.67 -8.61 47.39
C THR A 103 -0.57 -9.33 46.03
N GLY A 104 0.65 -9.42 45.45
CA GLY A 104 0.89 -10.13 44.20
C GLY A 104 0.38 -9.37 42.96
N HIS A 105 0.44 -8.03 43.03
CA HIS A 105 -0.02 -7.15 41.96
C HIS A 105 1.17 -6.39 41.38
N VAL A 106 1.11 -6.10 40.06
CA VAL A 106 2.11 -5.26 39.41
C VAL A 106 1.53 -3.86 39.18
N GLY A 107 0.24 -3.77 38.85
CA GLY A 107 -0.53 -2.55 39.04
C GLY A 107 -1.12 -2.02 37.73
N PHE A 108 -1.94 -2.82 37.05
CA PHE A 108 -2.68 -2.33 35.90
C PHE A 108 -3.95 -3.14 35.66
N ILE A 109 -4.84 -2.56 34.85
CA ILE A 109 -6.03 -3.21 34.35
C ILE A 109 -5.89 -3.39 32.84
N PHE A 110 -6.44 -4.50 32.34
CA PHE A 110 -6.41 -4.78 30.91
C PHE A 110 -7.68 -5.52 30.52
N LYS A 111 -7.96 -5.48 29.21
CA LYS A 111 -9.17 -6.00 28.61
C LYS A 111 -8.88 -6.25 27.13
N ASN A 112 -9.19 -7.47 26.64
CA ASN A 112 -8.79 -7.95 25.33
C ASN A 112 -7.28 -7.80 25.14
N GLY A 113 -6.51 -8.07 26.20
CA GLY A 113 -5.05 -8.02 26.12
C GLY A 113 -4.46 -6.60 26.13
N LYS A 114 -5.32 -5.57 26.09
CA LYS A 114 -4.91 -4.18 25.97
C LYS A 114 -4.95 -3.50 27.34
N ILE A 115 -3.82 -2.88 27.74
CA ILE A 115 -3.71 -2.21 29.03
C ILE A 115 -4.57 -0.94 28.99
N THR A 116 -5.45 -0.79 29.99
CA THR A 116 -6.47 0.25 29.97
C THR A 116 -6.33 1.25 31.12
N SER A 117 -5.67 0.87 32.23
CA SER A 117 -5.46 1.86 33.29
C SER A 117 -4.27 1.40 34.14
N ILE A 118 -3.54 2.40 34.68
CA ILE A 118 -2.37 2.14 35.50
C ILE A 118 -2.69 2.55 36.94
N VAL A 119 -2.33 1.67 37.87
CA VAL A 119 -2.71 1.81 39.27
C VAL A 119 -1.66 2.67 39.96
N LYS A 120 -2.13 3.63 40.78
CA LYS A 120 -1.28 4.60 41.46
C LYS A 120 -0.39 3.90 42.49
N ASP A 121 0.86 4.38 42.58
CA ASP A 121 1.92 3.85 43.45
C ASP A 121 2.16 2.34 43.25
N SER A 122 1.90 1.82 42.05
CA SER A 122 2.27 0.45 41.71
C SER A 122 3.64 0.39 41.03
N SER A 123 4.11 -0.84 40.79
CA SER A 123 5.31 -1.06 40.01
C SER A 123 5.11 -0.61 38.56
N ALA A 124 3.92 -0.88 38.01
CA ALA A 124 3.52 -0.44 36.68
C ALA A 124 3.69 1.07 36.54
N ALA A 125 3.21 1.83 37.53
CA ALA A 125 3.37 3.28 37.56
C ALA A 125 4.83 3.69 37.66
N ARG A 126 5.60 3.08 38.57
CA ARG A 126 7.00 3.45 38.76
C ARG A 126 7.82 3.22 37.49
N ASN A 127 7.49 2.19 36.71
CA ASN A 127 8.24 1.78 35.53
C ASN A 127 7.68 2.40 34.24
N GLY A 128 6.54 3.10 34.32
CA GLY A 128 6.02 3.88 33.22
C GLY A 128 5.37 3.01 32.14
N LEU A 129 4.66 1.98 32.61
CA LEU A 129 3.77 1.21 31.76
C LEU A 129 2.70 2.15 31.21
N LEU A 130 2.30 1.90 29.96
CA LEU A 130 1.42 2.79 29.23
C LEU A 130 0.11 2.08 28.96
N THR A 131 -0.97 2.86 28.81
CA THR A 131 -2.25 2.33 28.36
C THR A 131 -2.30 2.39 26.83
N GLU A 132 -3.40 1.87 26.26
CA GLU A 132 -3.54 1.76 24.83
C GLU A 132 -2.38 0.96 24.21
N HIS A 133 -1.87 -0.03 24.95
CA HIS A 133 -0.82 -0.92 24.47
C HIS A 133 -1.28 -2.37 24.67
N ASN A 134 -1.14 -3.19 23.63
CA ASN A 134 -1.50 -4.61 23.68
C ASN A 134 -0.36 -5.44 24.26
N ILE A 135 -0.70 -6.38 25.14
CA ILE A 135 0.29 -7.29 25.73
C ILE A 135 0.60 -8.38 24.71
N CYS A 136 1.88 -8.54 24.37
CA CYS A 136 2.37 -9.46 23.36
C CYS A 136 3.00 -10.72 24.00
N GLU A 137 3.80 -10.52 25.04
CA GLU A 137 4.51 -11.60 25.70
C GLU A 137 4.60 -11.32 27.20
N ILE A 138 4.76 -12.39 28.01
CA ILE A 138 5.05 -12.31 29.44
C ILE A 138 6.17 -13.29 29.76
N ASN A 139 7.30 -12.76 30.26
CA ASN A 139 8.50 -13.53 30.53
C ASN A 139 8.91 -14.32 29.28
N GLY A 140 8.83 -13.70 28.10
CA GLY A 140 9.23 -14.34 26.84
C GLY A 140 8.24 -15.36 26.28
N GLN A 141 7.08 -15.51 26.94
CA GLN A 141 6.00 -16.35 26.42
C GLN A 141 4.99 -15.47 25.68
N ASN A 142 4.74 -15.81 24.42
CA ASN A 142 3.70 -15.18 23.60
C ASN A 142 2.33 -15.47 24.21
N VAL A 143 1.48 -14.44 24.39
CA VAL A 143 0.16 -14.59 25.00
C VAL A 143 -0.92 -14.00 24.09
N ILE A 144 -0.62 -13.89 22.80
CA ILE A 144 -1.53 -13.27 21.85
C ILE A 144 -2.60 -14.29 21.48
N GLY A 145 -3.87 -13.95 21.79
CA GLY A 145 -4.99 -14.82 21.46
C GLY A 145 -5.58 -15.53 22.67
N LEU A 146 -4.80 -15.65 23.76
CA LEU A 146 -5.26 -16.17 25.03
C LEU A 146 -6.33 -15.25 25.62
N LYS A 147 -7.25 -15.84 26.39
CA LYS A 147 -8.28 -15.08 27.10
C LYS A 147 -7.60 -14.33 28.23
N ASP A 148 -8.30 -13.30 28.72
CA ASP A 148 -7.75 -12.42 29.75
C ASP A 148 -7.52 -13.23 31.02
N SER A 149 -8.40 -14.24 31.27
CA SER A 149 -8.29 -15.11 32.43
C SER A 149 -6.98 -15.89 32.37
N GLN A 150 -6.58 -16.34 31.19
CA GLN A 150 -5.35 -17.11 31.01
C GLN A 150 -4.13 -16.21 31.20
N ILE A 151 -4.22 -14.94 30.77
CA ILE A 151 -3.12 -13.99 30.93
C ILE A 151 -2.95 -13.69 32.43
N ALA A 152 -4.07 -13.50 33.15
CA ALA A 152 -4.05 -13.31 34.60
C ALA A 152 -3.38 -14.48 35.32
N ASP A 153 -3.69 -15.71 34.87
CA ASP A 153 -3.15 -16.94 35.46
C ASP A 153 -1.63 -16.95 35.31
N ILE A 154 -1.13 -16.59 34.13
CA ILE A 154 0.30 -16.57 33.83
C ILE A 154 0.99 -15.51 34.69
N LEU A 155 0.27 -14.44 35.00
CA LEU A 155 0.79 -13.36 35.85
C LEU A 155 0.94 -13.87 37.28
N SER A 156 -0.05 -14.62 37.78
CA SER A 156 0.02 -15.21 39.12
C SER A 156 1.17 -16.22 39.23
N THR A 157 1.29 -17.13 38.25
CA THR A 157 2.28 -18.21 38.30
C THR A 157 3.71 -17.72 37.99
N SER A 158 3.87 -16.43 37.67
CA SER A 158 5.19 -15.84 37.50
C SER A 158 5.82 -15.58 38.87
N GLY A 159 7.15 -15.46 38.90
CA GLY A 159 7.86 -15.06 40.10
C GLY A 159 7.46 -13.65 40.55
N THR A 160 8.30 -13.05 41.40
CA THR A 160 8.05 -11.69 41.85
C THR A 160 8.37 -10.75 40.68
N VAL A 161 9.41 -11.10 39.89
CA VAL A 161 9.83 -10.32 38.74
C VAL A 161 8.99 -10.71 37.52
N VAL A 162 8.40 -9.70 36.87
CA VAL A 162 7.50 -9.87 35.73
C VAL A 162 7.96 -8.93 34.60
N THR A 163 8.33 -9.53 33.45
CA THR A 163 8.68 -8.77 32.27
C THR A 163 7.55 -8.88 31.24
N ILE A 164 7.05 -7.72 30.77
CA ILE A 164 5.94 -7.69 29.81
C ILE A 164 6.44 -7.04 28.52
N THR A 165 6.12 -7.68 27.39
CA THR A 165 6.44 -7.13 26.08
C THR A 165 5.17 -6.51 25.51
N ILE A 166 5.22 -5.20 25.18
CA ILE A 166 4.02 -4.47 24.77
C ILE A 166 4.22 -3.83 23.40
N MET A 167 3.09 -3.56 22.74
CA MET A 167 3.03 -2.94 21.43
C MET A 167 1.93 -1.88 21.42
N PRO A 168 2.16 -0.66 20.86
CA PRO A 168 1.08 0.32 20.68
C PRO A 168 -0.12 -0.29 19.96
N ALA A 169 -1.32 -0.11 20.55
CA ALA A 169 -2.54 -0.74 20.06
C ALA A 169 -2.77 -0.50 18.57
N PHE A 170 -2.55 0.72 18.06
N PHE A 170 -2.53 0.73 18.08
CA PHE A 170 -2.86 1.03 16.66
CA PHE A 170 -2.81 1.07 16.69
C PHE A 170 -1.99 0.19 15.71
C PHE A 170 -1.99 0.20 15.72
N ILE A 171 -0.77 -0.17 16.15
CA ILE A 171 0.12 -0.98 15.33
C ILE A 171 -0.30 -2.45 15.42
N PHE A 172 -0.58 -2.90 16.66
CA PHE A 172 -1.07 -4.23 16.93
C PHE A 172 -2.34 -4.54 16.12
N GLU A 173 -3.31 -3.62 16.13
CA GLU A 173 -4.57 -3.81 15.43
C GLU A 173 -4.32 -3.93 13.93
N HIS A 174 -3.29 -3.25 13.42
CA HIS A 174 -2.97 -3.30 12.00
C HIS A 174 -2.28 -4.64 11.64
N ILE A 175 -1.45 -5.19 12.55
CA ILE A 175 -0.70 -6.42 12.27
C ILE A 175 -1.64 -7.64 12.20
N ILE A 176 -2.68 -7.67 13.05
CA ILE A 176 -3.50 -8.84 13.22
C ILE A 176 -4.71 -8.84 12.29
N LYS A 177 -4.90 -7.78 11.45
CA LYS A 177 -6.05 -7.73 10.55
C LYS A 177 -5.98 -8.88 9.54
N ARG A 178 -7.17 -9.39 9.14
CA ARG A 178 -7.31 -10.45 8.14
C ARG A 178 -6.84 -11.80 8.72
N MET A 179 -7.05 -11.96 10.03
CA MET A 179 -6.64 -13.15 10.75
C MET A 179 -7.63 -13.36 11.90
N ALA A 180 -8.35 -14.49 11.84
CA ALA A 180 -9.51 -14.74 12.66
C ALA A 180 -9.07 -15.00 14.10
N PRO A 181 -9.76 -14.44 15.12
CA PRO A 181 -9.47 -14.74 16.54
C PRO A 181 -9.20 -16.21 16.91
N SER A 182 -9.83 -17.15 16.20
CA SER A 182 -9.75 -18.57 16.51
C SER A 182 -8.44 -19.20 16.04
N ILE A 183 -7.78 -18.57 15.06
CA ILE A 183 -6.46 -18.98 14.58
C ILE A 183 -5.40 -18.51 15.59
N MET A 184 -5.56 -17.29 16.11
CA MET A 184 -4.62 -16.69 17.07
C MET A 184 -4.61 -17.52 18.36
N LYS A 185 -5.81 -17.92 18.81
CA LYS A 185 -5.99 -18.70 20.03
C LYS A 185 -5.39 -20.10 19.91
N SER A 186 -5.60 -20.75 18.76
CA SER A 186 -5.35 -22.17 18.61
C SER A 186 -3.93 -22.44 18.09
N LEU A 187 -3.42 -21.55 17.23
CA LEU A 187 -2.31 -21.87 16.33
C LEU A 187 -1.08 -21.03 16.64
N MET A 188 -1.24 -19.79 17.17
CA MET A 188 -0.10 -19.00 17.62
C MET A 188 0.70 -19.78 18.67
N ASP A 189 2.04 -19.76 18.51
CA ASP A 189 2.96 -20.38 19.44
C ASP A 189 2.84 -19.70 20.80
N HIS A 190 2.50 -20.46 21.85
CA HIS A 190 2.43 -19.96 23.22
C HIS A 190 3.38 -20.72 24.13
N THR A 191 4.24 -21.56 23.55
CA THR A 191 5.15 -22.36 24.35
C THR A 191 6.27 -21.46 24.88
N ILE A 192 6.94 -21.96 25.90
CA ILE A 192 8.20 -21.42 26.38
C ILE A 192 9.30 -22.00 25.48
N PRO A 193 10.24 -21.17 24.96
CA PRO A 193 11.34 -21.66 24.13
C PRO A 193 12.13 -22.86 24.68
N GLU A 194 12.57 -23.68 23.72
CA GLU A 194 13.20 -24.98 23.94
C GLU A 194 14.73 -24.84 23.84
N VAL A 195 15.48 -25.66 24.59
CA VAL A 195 16.94 -25.71 24.53
C VAL A 195 17.44 -27.17 24.38
N ALA B 3 -11.45 -29.30 -20.14
CA ALA B 3 -12.91 -29.55 -20.36
C ALA B 3 -13.39 -30.80 -19.61
N GLU B 4 -12.61 -31.89 -19.69
CA GLU B 4 -13.08 -33.26 -19.46
C GLU B 4 -12.88 -33.72 -18.00
N ILE B 5 -13.86 -34.51 -17.53
CA ILE B 5 -14.07 -34.89 -16.14
C ILE B 5 -13.25 -36.15 -15.80
N LYS B 6 -12.15 -35.96 -15.05
CA LYS B 6 -11.18 -37.01 -14.74
C LYS B 6 -11.66 -37.77 -13.48
N GLN B 7 -11.55 -39.11 -13.53
CA GLN B 7 -12.19 -39.99 -12.57
C GLN B 7 -11.27 -40.21 -11.38
N GLY B 8 -11.87 -40.52 -10.23
CA GLY B 8 -11.16 -40.52 -8.98
C GLY B 8 -10.71 -39.12 -8.53
N ILE B 9 -9.65 -39.14 -7.70
CA ILE B 9 -9.43 -38.17 -6.64
C ILE B 9 -8.10 -37.46 -6.83
N ARG B 10 -8.03 -36.15 -6.63
CA ARG B 10 -6.74 -35.45 -6.63
C ARG B 10 -6.60 -34.65 -5.33
N GLU B 11 -5.36 -34.35 -4.95
CA GLU B 11 -5.07 -33.44 -3.85
C GLU B 11 -4.80 -32.04 -4.42
N VAL B 12 -5.36 -30.99 -3.79
CA VAL B 12 -5.04 -29.61 -4.12
C VAL B 12 -4.52 -28.92 -2.85
N ILE B 13 -3.70 -27.86 -3.06
CA ILE B 13 -3.06 -27.16 -1.95
C ILE B 13 -3.31 -25.66 -2.13
N LEU B 14 -3.84 -25.00 -1.09
CA LEU B 14 -4.22 -23.58 -1.15
C LEU B 14 -3.49 -22.79 -0.07
N CYS B 15 -3.23 -21.51 -0.36
CA CYS B 15 -2.89 -20.50 0.63
C CYS B 15 -4.05 -19.53 0.73
N LYS B 16 -4.50 -19.17 1.93
CA LYS B 16 -5.38 -18.02 2.08
C LYS B 16 -4.66 -16.77 1.57
N ASP B 17 -5.41 -15.83 1.00
CA ASP B 17 -4.80 -14.62 0.47
C ASP B 17 -4.52 -13.70 1.65
N GLN B 18 -4.18 -12.44 1.35
CA GLN B 18 -3.81 -11.50 2.41
C GLN B 18 -5.05 -11.08 3.21
N ASP B 19 -6.26 -11.33 2.70
CA ASP B 19 -7.50 -11.02 3.42
C ASP B 19 -8.00 -12.19 4.26
N GLY B 20 -7.36 -13.37 4.16
CA GLY B 20 -7.77 -14.57 4.88
C GLY B 20 -8.80 -15.42 4.15
N LYS B 21 -9.04 -15.11 2.86
CA LYS B 21 -10.06 -15.75 2.03
C LYS B 21 -9.40 -16.76 1.11
N ILE B 22 -10.19 -17.79 0.75
CA ILE B 22 -9.84 -18.78 -0.24
C ILE B 22 -10.63 -18.52 -1.54
N GLY B 23 -11.83 -17.95 -1.38
CA GLY B 23 -12.72 -17.68 -2.51
C GLY B 23 -13.58 -18.88 -2.88
N LEU B 24 -14.08 -19.59 -1.85
CA LEU B 24 -14.95 -20.75 -2.00
C LEU B 24 -16.25 -20.51 -1.23
N ARG B 25 -17.35 -21.04 -1.77
CA ARG B 25 -18.50 -21.41 -0.95
C ARG B 25 -18.75 -22.90 -1.13
N LEU B 26 -19.18 -23.54 -0.04
CA LEU B 26 -19.35 -24.97 0.06
C LEU B 26 -20.79 -25.28 0.47
N LYS B 27 -21.34 -26.40 -0.03
CA LYS B 27 -22.73 -26.76 0.23
C LYS B 27 -22.84 -28.26 0.49
N SER B 28 -23.60 -28.61 1.56
CA SER B 28 -23.90 -30.00 1.87
C SER B 28 -24.93 -30.55 0.90
N ILE B 29 -24.57 -31.67 0.24
CA ILE B 29 -25.47 -32.39 -0.67
C ILE B 29 -25.31 -33.90 -0.42
N ASP B 30 -26.41 -34.57 -0.04
CA ASP B 30 -26.44 -36.01 0.07
C ASP B 30 -25.30 -36.50 0.97
N ASN B 31 -25.02 -35.77 2.05
CA ASN B 31 -23.99 -36.07 3.05
C ASN B 31 -22.57 -36.00 2.50
N GLY B 32 -22.41 -35.30 1.36
CA GLY B 32 -21.11 -34.87 0.89
C GLY B 32 -21.01 -33.35 0.99
N ILE B 33 -19.84 -32.81 0.63
CA ILE B 33 -19.64 -31.37 0.53
C ILE B 33 -19.20 -31.01 -0.89
N PHE B 34 -19.89 -30.02 -1.47
CA PHE B 34 -19.68 -29.65 -2.87
C PHE B 34 -19.44 -28.16 -3.01
N VAL B 35 -18.67 -27.80 -4.05
CA VAL B 35 -18.33 -26.40 -4.33
C VAL B 35 -19.54 -25.76 -5.02
N GLN B 36 -20.04 -24.69 -4.39
CA GLN B 36 -21.23 -23.96 -4.82
C GLN B 36 -20.80 -22.67 -5.53
N LEU B 37 -19.62 -22.14 -5.18
CA LEU B 37 -19.09 -20.95 -5.83
C LEU B 37 -17.57 -20.92 -5.73
N VAL B 38 -16.89 -20.64 -6.85
CA VAL B 38 -15.49 -20.27 -6.85
C VAL B 38 -15.37 -18.82 -7.31
N GLN B 39 -14.67 -17.97 -6.53
CA GLN B 39 -14.47 -16.56 -6.83
C GLN B 39 -13.35 -16.39 -7.84
N ALA B 40 -13.50 -15.42 -8.77
CA ALA B 40 -12.45 -15.09 -9.73
C ALA B 40 -11.26 -14.45 -9.02
N ASN B 41 -10.03 -14.80 -9.46
CA ASN B 41 -8.78 -14.26 -8.95
C ASN B 41 -8.59 -14.64 -7.48
N SER B 42 -9.09 -15.82 -7.10
CA SER B 42 -8.98 -16.30 -5.74
C SER B 42 -7.94 -17.40 -5.70
N PRO B 43 -7.38 -17.73 -4.50
CA PRO B 43 -6.56 -18.92 -4.37
C PRO B 43 -7.23 -20.21 -4.86
N ALA B 44 -8.56 -20.27 -4.75
CA ALA B 44 -9.32 -21.44 -5.18
C ALA B 44 -9.37 -21.55 -6.71
N SER B 45 -9.57 -20.43 -7.43
CA SER B 45 -9.53 -20.44 -8.89
C SER B 45 -8.13 -20.81 -9.40
N LEU B 46 -7.08 -20.21 -8.82
CA LEU B 46 -5.71 -20.39 -9.28
C LEU B 46 -5.28 -21.86 -9.24
N VAL B 47 -5.78 -22.63 -8.24
CA VAL B 47 -5.37 -24.03 -8.06
C VAL B 47 -6.31 -24.97 -8.80
N GLY B 48 -7.40 -24.43 -9.38
CA GLY B 48 -8.19 -25.16 -10.37
C GLY B 48 -9.44 -25.85 -9.81
N LEU B 49 -9.96 -25.34 -8.66
CA LEU B 49 -11.23 -25.79 -8.11
C LEU B 49 -12.36 -25.24 -8.98
N ARG B 50 -13.42 -26.07 -9.12
CA ARG B 50 -14.52 -25.75 -10.00
C ARG B 50 -15.85 -25.96 -9.27
N PHE B 51 -16.85 -25.15 -9.67
CA PHE B 51 -18.23 -25.39 -9.33
C PHE B 51 -18.53 -26.87 -9.53
N GLY B 52 -19.12 -27.51 -8.52
CA GLY B 52 -19.59 -28.88 -8.65
C GLY B 52 -18.58 -29.92 -8.14
N ASP B 53 -17.34 -29.49 -7.85
CA ASP B 53 -16.31 -30.35 -7.29
C ASP B 53 -16.77 -30.86 -5.92
N GLN B 54 -16.42 -32.10 -5.59
CA GLN B 54 -16.70 -32.65 -4.28
C GLN B 54 -15.44 -32.55 -3.44
N VAL B 55 -15.59 -32.03 -2.20
CA VAL B 55 -14.49 -31.99 -1.24
C VAL B 55 -14.65 -33.17 -0.27
N LEU B 56 -13.71 -34.12 -0.37
CA LEU B 56 -13.74 -35.35 0.43
C LEU B 56 -13.09 -35.12 1.79
N GLN B 57 -11.95 -34.41 1.79
CA GLN B 57 -11.25 -34.06 3.01
C GLN B 57 -10.72 -32.63 2.94
N ILE B 58 -10.65 -31.98 4.11
CA ILE B 58 -9.97 -30.72 4.33
C ILE B 58 -8.96 -30.92 5.45
N ASN B 59 -7.68 -30.74 5.11
CA ASN B 59 -6.59 -30.95 6.04
C ASN B 59 -6.64 -32.37 6.60
N GLY B 60 -7.02 -33.36 5.79
CA GLY B 60 -7.00 -34.76 6.18
C GLY B 60 -8.24 -35.21 6.96
N GLU B 61 -9.22 -34.32 7.19
CA GLU B 61 -10.45 -34.66 7.92
C GLU B 61 -11.58 -34.92 6.93
N ASN B 62 -12.32 -36.02 7.11
CA ASN B 62 -13.40 -36.38 6.21
C ASN B 62 -14.53 -35.37 6.31
N CYS B 63 -15.07 -34.94 5.15
CA CYS B 63 -16.14 -33.97 5.09
C CYS B 63 -17.51 -34.62 5.16
N ALA B 64 -17.55 -35.97 5.12
CA ALA B 64 -18.81 -36.70 5.16
C ALA B 64 -19.68 -36.25 6.33
N GLY B 65 -20.92 -35.85 6.00
CA GLY B 65 -21.92 -35.54 6.99
C GLY B 65 -21.90 -34.08 7.45
N TRP B 66 -20.87 -33.30 7.07
CA TRP B 66 -20.76 -31.91 7.50
C TRP B 66 -21.88 -31.10 6.89
N SER B 67 -22.43 -30.15 7.69
CA SER B 67 -23.32 -29.13 7.17
C SER B 67 -22.45 -28.08 6.47
N SER B 68 -23.10 -27.23 5.67
CA SER B 68 -22.46 -26.08 5.03
C SER B 68 -21.76 -25.22 6.07
N ASP B 69 -22.48 -24.91 7.17
CA ASP B 69 -22.03 -24.06 8.28
C ASP B 69 -20.72 -24.59 8.84
N LYS B 70 -20.61 -25.91 8.98
CA LYS B 70 -19.43 -26.54 9.55
C LYS B 70 -18.23 -26.55 8.57
N ALA B 71 -18.53 -26.70 7.28
CA ALA B 71 -17.48 -26.66 6.28
C ALA B 71 -16.86 -25.25 6.22
N HIS B 72 -17.72 -24.22 6.26
CA HIS B 72 -17.30 -22.82 6.27
C HIS B 72 -16.55 -22.45 7.54
N LYS B 73 -17.02 -22.96 8.69
CA LYS B 73 -16.36 -22.70 9.96
C LYS B 73 -14.95 -23.30 9.92
N VAL B 74 -14.79 -24.48 9.31
CA VAL B 74 -13.49 -25.15 9.27
C VAL B 74 -12.52 -24.38 8.37
N LEU B 75 -13.02 -23.82 7.27
CA LEU B 75 -12.21 -23.03 6.35
C LEU B 75 -11.76 -21.73 7.03
N LYS B 76 -12.65 -21.12 7.82
CA LYS B 76 -12.35 -19.89 8.53
C LYS B 76 -11.28 -20.11 9.58
N GLN B 77 -11.19 -21.31 10.18
CA GLN B 77 -10.29 -21.59 11.29
C GLN B 77 -8.99 -22.22 10.83
N ALA B 78 -8.84 -22.48 9.52
CA ALA B 78 -7.61 -23.08 8.98
C ALA B 78 -6.47 -22.07 8.98
N PHE B 79 -5.28 -22.50 9.37
CA PHE B 79 -4.07 -21.71 9.18
C PHE B 79 -3.84 -21.45 7.68
N GLY B 80 -3.57 -20.20 7.33
CA GLY B 80 -3.53 -19.77 5.94
C GLY B 80 -2.40 -20.36 5.10
N GLU B 81 -1.31 -20.82 5.71
CA GLU B 81 -0.11 -21.24 4.97
C GLU B 81 -0.43 -22.35 3.94
N LYS B 82 -0.83 -23.54 4.41
CA LYS B 82 -1.12 -24.69 3.55
C LYS B 82 -2.41 -25.37 4.05
N ILE B 83 -3.42 -25.36 3.17
CA ILE B 83 -4.64 -26.12 3.30
C ILE B 83 -4.65 -27.22 2.23
N THR B 84 -4.69 -28.49 2.65
CA THR B 84 -4.83 -29.59 1.71
C THR B 84 -6.31 -29.96 1.60
N MET B 85 -6.78 -30.10 0.35
CA MET B 85 -8.12 -30.60 0.09
C MET B 85 -8.02 -31.81 -0.83
N THR B 86 -8.83 -32.83 -0.54
CA THR B 86 -8.94 -33.99 -1.41
C THR B 86 -10.24 -33.86 -2.20
N ILE B 87 -10.12 -33.93 -3.53
CA ILE B 87 -11.14 -33.47 -4.48
C ILE B 87 -11.51 -34.63 -5.39
N ARG B 88 -12.82 -34.87 -5.51
CA ARG B 88 -13.39 -35.72 -6.56
C ARG B 88 -13.99 -34.77 -7.60
N ASP B 89 -13.62 -34.97 -8.86
CA ASP B 89 -13.83 -33.95 -9.90
C ASP B 89 -15.28 -34.00 -10.40
N ARG B 90 -15.96 -32.84 -10.31
CA ARG B 90 -17.34 -32.61 -10.72
C ARG B 90 -18.15 -33.90 -10.90
N PRO B 91 -18.48 -34.62 -9.79
CA PRO B 91 -19.12 -35.92 -9.87
C PRO B 91 -20.54 -35.95 -10.43
N PHE B 92 -21.28 -34.83 -10.29
CA PHE B 92 -22.68 -34.74 -10.75
C PHE B 92 -22.78 -34.27 -12.20
N GLU B 93 -21.63 -34.06 -12.88
CA GLU B 93 -21.58 -33.46 -14.20
C GLU B 93 -20.98 -34.43 -15.21
N ARG B 94 -21.29 -34.18 -16.49
CA ARG B 94 -20.75 -34.89 -17.65
C ARG B 94 -20.44 -33.89 -18.75
N THR B 95 -19.49 -34.24 -19.64
CA THR B 95 -19.21 -33.38 -20.80
C THR B 95 -19.62 -34.07 -22.09
N ILE B 96 -20.31 -33.31 -22.95
CA ILE B 96 -20.77 -33.76 -24.25
C ILE B 96 -20.02 -32.95 -25.31
N THR B 97 -19.38 -33.66 -26.27
CA THR B 97 -18.66 -32.98 -27.35
C THR B 97 -19.50 -32.99 -28.64
N MET B 98 -19.64 -31.80 -29.24
CA MET B 98 -20.51 -31.58 -30.39
C MET B 98 -19.77 -30.77 -31.47
N HIS B 99 -20.16 -30.93 -32.74
CA HIS B 99 -19.56 -30.17 -33.84
C HIS B 99 -20.64 -29.29 -34.47
N LYS B 100 -20.33 -28.01 -34.66
CA LYS B 100 -21.27 -27.10 -35.30
C LYS B 100 -21.50 -27.51 -36.75
N ASP B 101 -22.71 -27.24 -37.26
CA ASP B 101 -23.04 -27.47 -38.66
C ASP B 101 -22.53 -26.28 -39.48
N SER B 102 -23.04 -26.11 -40.72
CA SER B 102 -22.66 -24.99 -41.57
C SER B 102 -23.22 -23.67 -41.06
N THR B 103 -24.45 -23.71 -40.48
CA THR B 103 -25.12 -22.54 -39.92
C THR B 103 -24.58 -22.20 -38.52
N GLY B 104 -23.57 -22.95 -38.04
CA GLY B 104 -22.90 -22.64 -36.79
C GLY B 104 -23.70 -23.05 -35.55
N HIS B 105 -24.52 -24.12 -35.69
CA HIS B 105 -25.43 -24.60 -34.67
C HIS B 105 -25.00 -26.00 -34.24
N VAL B 106 -25.25 -26.34 -32.95
CA VAL B 106 -24.99 -27.68 -32.44
C VAL B 106 -26.30 -28.45 -32.26
N GLY B 107 -27.38 -27.72 -31.90
CA GLY B 107 -28.73 -28.24 -32.09
C GLY B 107 -29.53 -28.40 -30.78
N PHE B 108 -29.68 -27.30 -30.04
CA PHE B 108 -30.57 -27.34 -28.87
C PHE B 108 -31.12 -25.95 -28.54
N ILE B 109 -32.18 -25.96 -27.71
CA ILE B 109 -32.84 -24.80 -27.18
C ILE B 109 -32.64 -24.79 -25.65
N PHE B 110 -32.49 -23.60 -25.07
CA PHE B 110 -32.25 -23.47 -23.64
C PHE B 110 -32.86 -22.16 -23.13
N LYS B 111 -33.04 -22.10 -21.81
CA LYS B 111 -33.69 -21.00 -21.12
C LYS B 111 -33.26 -21.05 -19.65
N ASN B 112 -32.79 -19.93 -19.11
CA ASN B 112 -32.18 -19.86 -17.78
C ASN B 112 -31.05 -20.90 -17.65
N GLY B 113 -30.29 -21.09 -18.73
CA GLY B 113 -29.17 -22.01 -18.73
C GLY B 113 -29.56 -23.51 -18.76
N LYS B 114 -30.87 -23.80 -18.78
CA LYS B 114 -31.37 -25.17 -18.79
C LYS B 114 -31.79 -25.60 -20.19
N ILE B 115 -31.25 -26.74 -20.66
CA ILE B 115 -31.55 -27.26 -21.99
C ILE B 115 -32.99 -27.76 -21.99
N THR B 116 -33.78 -27.29 -22.98
CA THR B 116 -35.23 -27.56 -22.99
C THR B 116 -35.68 -28.34 -24.21
N SER B 117 -34.91 -28.33 -25.30
CA SER B 117 -35.32 -29.08 -26.49
C SER B 117 -34.07 -29.47 -27.30
N ILE B 118 -34.09 -30.67 -27.89
CA ILE B 118 -33.02 -31.14 -28.73
C ILE B 118 -33.53 -31.15 -30.16
N VAL B 119 -32.72 -30.56 -31.06
CA VAL B 119 -33.10 -30.40 -32.46
C VAL B 119 -32.77 -31.69 -33.21
N LYS B 120 -33.73 -32.14 -34.04
CA LYS B 120 -33.67 -33.36 -34.82
C LYS B 120 -32.52 -33.29 -35.83
N ASP B 121 -31.83 -34.42 -36.01
CA ASP B 121 -30.67 -34.59 -36.90
C ASP B 121 -29.55 -33.56 -36.63
N SER B 122 -29.43 -33.04 -35.40
CA SER B 122 -28.33 -32.16 -35.03
C SER B 122 -27.19 -32.96 -34.40
N SER B 123 -26.07 -32.26 -34.12
CA SER B 123 -24.97 -32.85 -33.37
C SER B 123 -25.40 -33.21 -31.95
N ALA B 124 -26.21 -32.32 -31.33
CA ALA B 124 -26.80 -32.53 -30.01
C ALA B 124 -27.54 -33.86 -29.96
N ALA B 125 -28.38 -34.12 -30.99
CA ALA B 125 -29.10 -35.36 -31.09
C ALA B 125 -28.16 -36.56 -31.27
N ARG B 126 -27.17 -36.45 -32.17
CA ARG B 126 -26.25 -37.56 -32.43
C ARG B 126 -25.48 -37.96 -31.17
N ASN B 127 -25.12 -36.97 -30.34
CA ASN B 127 -24.27 -37.16 -29.17
C ASN B 127 -25.09 -37.39 -27.88
N GLY B 128 -26.44 -37.31 -27.97
CA GLY B 128 -27.31 -37.73 -26.89
C GLY B 128 -27.38 -36.71 -25.75
N LEU B 129 -27.34 -35.43 -26.13
CA LEU B 129 -27.56 -34.34 -25.21
C LEU B 129 -28.97 -34.48 -24.66
N LEU B 130 -29.14 -34.12 -23.39
CA LEU B 130 -30.36 -34.35 -22.65
C LEU B 130 -31.01 -33.00 -22.33
N THR B 131 -32.35 -33.00 -22.19
CA THR B 131 -33.07 -31.86 -21.67
C THR B 131 -33.13 -31.95 -20.14
N GLU B 132 -33.70 -30.91 -19.52
CA GLU B 132 -33.79 -30.82 -18.07
C GLU B 132 -32.39 -30.95 -17.44
N HIS B 133 -31.38 -30.40 -18.13
CA HIS B 133 -30.01 -30.33 -17.62
C HIS B 133 -29.54 -28.88 -17.72
N ASN B 134 -28.90 -28.38 -16.67
CA ASN B 134 -28.33 -27.05 -16.64
C ASN B 134 -26.94 -27.08 -17.28
N ILE B 135 -26.65 -26.08 -18.13
CA ILE B 135 -25.33 -25.83 -18.69
C ILE B 135 -24.47 -25.21 -17.60
N CYS B 136 -23.31 -25.84 -17.31
CA CYS B 136 -22.41 -25.41 -16.24
C CYS B 136 -21.15 -24.77 -16.81
N GLU B 137 -20.62 -25.38 -17.89
CA GLU B 137 -19.40 -24.91 -18.52
C GLU B 137 -19.53 -25.09 -20.04
N ILE B 138 -18.80 -24.24 -20.78
CA ILE B 138 -18.60 -24.39 -22.21
C ILE B 138 -17.11 -24.28 -22.51
N ASN B 139 -16.57 -25.37 -23.08
CA ASN B 139 -15.14 -25.49 -23.32
C ASN B 139 -14.37 -25.23 -22.02
N GLY B 140 -14.88 -25.78 -20.90
CA GLY B 140 -14.21 -25.67 -19.61
C GLY B 140 -14.39 -24.33 -18.91
N GLN B 141 -15.11 -23.38 -19.53
CA GLN B 141 -15.38 -22.09 -18.93
C GLN B 141 -16.75 -22.12 -18.24
N ASN B 142 -16.75 -21.78 -16.94
CA ASN B 142 -17.94 -21.67 -16.12
C ASN B 142 -18.83 -20.55 -16.67
N VAL B 143 -20.13 -20.84 -16.87
CA VAL B 143 -21.08 -19.87 -17.40
C VAL B 143 -22.28 -19.69 -16.46
N ILE B 144 -22.09 -20.05 -15.18
CA ILE B 144 -23.18 -20.07 -14.23
C ILE B 144 -23.44 -18.67 -13.72
N GLY B 145 -24.65 -18.15 -13.97
CA GLY B 145 -25.01 -16.78 -13.58
C GLY B 145 -25.03 -15.79 -14.76
N LEU B 146 -24.40 -16.16 -15.89
CA LEU B 146 -24.47 -15.39 -17.12
C LEU B 146 -25.88 -15.45 -17.68
N LYS B 147 -26.28 -14.38 -18.39
CA LYS B 147 -27.55 -14.32 -19.09
C LYS B 147 -27.49 -15.26 -20.28
N ASP B 148 -28.65 -15.64 -20.80
CA ASP B 148 -28.73 -16.57 -21.92
C ASP B 148 -28.07 -15.95 -23.15
N SER B 149 -28.17 -14.61 -23.29
CA SER B 149 -27.52 -13.92 -24.40
C SER B 149 -26.01 -14.13 -24.36
N GLN B 150 -25.43 -14.08 -23.15
CA GLN B 150 -23.99 -14.24 -22.98
C GLN B 150 -23.57 -15.69 -23.23
N ILE B 151 -24.43 -16.66 -22.88
CA ILE B 151 -24.15 -18.07 -23.12
C ILE B 151 -24.16 -18.32 -24.63
N ALA B 152 -25.14 -17.75 -25.34
CA ALA B 152 -25.22 -17.86 -26.80
C ALA B 152 -23.99 -17.25 -27.47
N ASP B 153 -23.51 -16.12 -26.94
CA ASP B 153 -22.35 -15.43 -27.48
C ASP B 153 -21.11 -16.30 -27.38
N ILE B 154 -20.94 -16.97 -26.22
CA ILE B 154 -19.79 -17.83 -25.97
C ILE B 154 -19.84 -19.04 -26.90
N LEU B 155 -21.07 -19.47 -27.25
CA LEU B 155 -21.25 -20.59 -28.15
C LEU B 155 -20.81 -20.19 -29.55
N SER B 156 -21.17 -18.96 -29.99
CA SER B 156 -20.78 -18.46 -31.30
C SER B 156 -19.27 -18.29 -31.41
N THR B 157 -18.62 -17.69 -30.38
CA THR B 157 -17.19 -17.39 -30.42
C THR B 157 -16.32 -18.64 -30.18
N SER B 158 -16.93 -19.80 -29.94
CA SER B 158 -16.20 -21.05 -29.88
C SER B 158 -15.87 -21.54 -31.29
N GLY B 159 -14.89 -22.44 -31.38
CA GLY B 159 -14.56 -23.08 -32.63
C GLY B 159 -15.71 -23.96 -33.14
N THR B 160 -15.38 -24.86 -34.07
CA THR B 160 -16.39 -25.75 -34.63
C THR B 160 -16.72 -26.79 -33.57
N VAL B 161 -15.69 -27.23 -32.83
CA VAL B 161 -15.83 -28.24 -31.80
C VAL B 161 -16.19 -27.55 -30.49
N VAL B 162 -17.29 -28.03 -29.87
CA VAL B 162 -17.88 -27.45 -28.66
C VAL B 162 -18.10 -28.57 -27.64
N THR B 163 -17.51 -28.41 -26.45
CA THR B 163 -17.79 -29.26 -25.31
C THR B 163 -18.70 -28.50 -24.33
N ILE B 164 -19.79 -29.15 -23.92
CA ILE B 164 -20.68 -28.61 -22.89
C ILE B 164 -20.62 -29.52 -21.66
N THR B 165 -20.48 -28.90 -20.50
CA THR B 165 -20.52 -29.62 -19.24
C THR B 165 -21.90 -29.39 -18.62
N ILE B 166 -22.64 -30.48 -18.35
CA ILE B 166 -24.02 -30.40 -17.93
C ILE B 166 -24.24 -31.12 -16.59
N MET B 167 -25.31 -30.70 -15.89
CA MET B 167 -25.72 -31.26 -14.61
C MET B 167 -27.23 -31.41 -14.61
N PRO B 168 -27.82 -32.54 -14.13
CA PRO B 168 -29.27 -32.66 -13.99
C PRO B 168 -29.86 -31.48 -13.20
N ALA B 169 -30.92 -30.87 -13.75
CA ALA B 169 -31.50 -29.66 -13.22
C ALA B 169 -31.80 -29.75 -11.73
N PHE B 170 -32.36 -30.89 -11.30
N PHE B 170 -32.38 -30.88 -11.28
CA PHE B 170 -32.79 -31.12 -9.93
CA PHE B 170 -32.80 -31.03 -9.89
C PHE B 170 -31.62 -30.96 -8.96
C PHE B 170 -31.61 -30.95 -8.95
N ILE B 171 -30.43 -31.38 -9.40
CA ILE B 171 -29.22 -31.34 -8.59
C ILE B 171 -28.66 -29.93 -8.58
N PHE B 172 -28.62 -29.30 -9.77
CA PHE B 172 -28.18 -27.92 -9.93
C PHE B 172 -28.99 -26.98 -9.03
N GLU B 173 -30.32 -27.09 -9.04
CA GLU B 173 -31.19 -26.22 -8.25
C GLU B 173 -30.90 -26.44 -6.75
N HIS B 174 -30.50 -27.64 -6.35
CA HIS B 174 -30.18 -27.94 -4.96
C HIS B 174 -28.81 -27.37 -4.59
N ILE B 175 -27.83 -27.36 -5.51
CA ILE B 175 -26.47 -26.89 -5.22
C ILE B 175 -26.44 -25.37 -5.01
N ILE B 176 -27.28 -24.62 -5.72
CA ILE B 176 -27.22 -23.16 -5.70
C ILE B 176 -28.09 -22.55 -4.59
N LYS B 177 -28.86 -23.38 -3.87
CA LYS B 177 -29.61 -22.93 -2.69
C LYS B 177 -28.65 -22.45 -1.60
N ARG B 178 -29.14 -21.50 -0.78
CA ARG B 178 -28.41 -20.93 0.36
C ARG B 178 -27.30 -19.99 -0.16
N MET B 179 -27.56 -19.37 -1.30
CA MET B 179 -26.66 -18.45 -1.97
C MET B 179 -27.54 -17.51 -2.78
N ALA B 180 -27.44 -16.21 -2.51
CA ALA B 180 -28.31 -15.21 -3.12
C ALA B 180 -27.96 -15.03 -4.60
N PRO B 181 -28.95 -15.00 -5.52
CA PRO B 181 -28.66 -14.87 -6.96
C PRO B 181 -27.66 -13.78 -7.38
N SER B 182 -27.56 -12.69 -6.61
CA SER B 182 -26.73 -11.55 -6.93
C SER B 182 -25.24 -11.81 -6.63
N ILE B 183 -24.97 -12.75 -5.70
CA ILE B 183 -23.62 -13.19 -5.39
C ILE B 183 -23.13 -14.15 -6.48
N MET B 184 -24.02 -15.03 -6.96
CA MET B 184 -23.71 -16.02 -7.98
C MET B 184 -23.35 -15.33 -9.30
N LYS B 185 -24.12 -14.27 -9.63
CA LYS B 185 -23.93 -13.50 -10.85
C LYS B 185 -22.62 -12.71 -10.82
N SER B 186 -22.31 -12.09 -9.68
CA SER B 186 -21.27 -11.09 -9.59
C SER B 186 -19.92 -11.68 -9.19
N LEU B 187 -19.89 -12.83 -8.47
CA LEU B 187 -18.64 -13.33 -7.90
C LEU B 187 -18.10 -14.59 -8.60
N MET B 188 -18.96 -15.32 -9.32
CA MET B 188 -18.60 -16.61 -9.88
C MET B 188 -17.46 -16.44 -10.90
N ASP B 189 -16.49 -17.34 -10.79
CA ASP B 189 -15.36 -17.43 -11.70
C ASP B 189 -15.86 -17.78 -13.10
N HIS B 190 -15.52 -16.95 -14.09
CA HIS B 190 -15.85 -17.21 -15.50
C HIS B 190 -14.59 -17.23 -16.36
N THR B 191 -13.43 -17.41 -15.72
CA THR B 191 -12.11 -17.41 -16.36
C THR B 191 -12.00 -18.47 -17.44
N ILE B 192 -11.22 -18.18 -18.49
CA ILE B 192 -11.01 -19.12 -19.58
C ILE B 192 -9.82 -19.99 -19.19
N PRO B 193 -9.93 -21.34 -19.24
CA PRO B 193 -8.85 -22.19 -18.72
C PRO B 193 -7.51 -21.98 -19.45
N GLU B 194 -6.44 -21.98 -18.62
CA GLU B 194 -5.07 -21.70 -19.02
C GLU B 194 -4.28 -23.00 -19.12
N VAL B 195 -3.11 -22.91 -19.76
CA VAL B 195 -2.12 -23.98 -19.69
C VAL B 195 -0.83 -23.42 -19.06
N ALA C 3 23.33 9.35 19.50
CA ALA C 3 22.21 9.00 18.61
C ALA C 3 21.38 7.85 19.18
N GLU C 4 22.05 6.79 19.70
CA GLU C 4 21.47 5.46 19.85
C GLU C 4 20.88 5.21 21.24
N ILE C 5 19.77 4.46 21.25
CA ILE C 5 18.71 4.46 22.26
C ILE C 5 19.02 3.42 23.35
N LYS C 6 19.45 3.90 24.53
CA LYS C 6 19.91 3.05 25.63
C LYS C 6 18.71 2.61 26.49
N GLN C 7 18.70 1.34 26.89
CA GLN C 7 17.51 0.70 27.46
C GLN C 7 17.48 0.90 28.97
N GLY C 8 16.26 0.89 29.53
CA GLY C 8 16.08 1.32 30.90
C GLY C 8 16.29 2.82 31.10
N ILE C 9 16.57 3.14 32.37
CA ILE C 9 16.13 4.36 33.03
C ILE C 9 17.36 5.11 33.57
N ARG C 10 17.39 6.44 33.46
CA ARG C 10 18.46 7.22 34.07
C ARG C 10 17.85 8.36 34.91
N GLU C 11 18.60 8.83 35.91
CA GLU C 11 18.22 9.98 36.71
C GLU C 11 18.96 11.20 36.16
N VAL C 12 18.27 12.34 36.02
CA VAL C 12 18.91 13.63 35.71
C VAL C 12 18.57 14.63 36.81
N ILE C 13 19.45 15.63 36.98
CA ILE C 13 19.33 16.63 38.04
C ILE C 13 19.49 18.02 37.41
N LEU C 14 18.52 18.92 37.64
CA LEU C 14 18.47 20.22 36.97
C LEU C 14 18.40 21.33 38.01
N CYS C 15 18.95 22.51 37.66
CA CYS C 15 18.67 23.77 38.32
C CYS C 15 17.92 24.66 37.35
N LYS C 16 16.87 25.34 37.83
CA LYS C 16 16.22 26.39 37.05
C LYS C 16 17.25 27.46 36.73
N ASP C 17 17.13 28.10 35.55
CA ASP C 17 18.08 29.12 35.16
C ASP C 17 17.73 30.41 35.90
N GLN C 18 18.31 31.53 35.44
CA GLN C 18 18.11 32.82 36.06
C GLN C 18 16.67 33.31 35.87
N ASP C 19 15.95 32.76 34.88
CA ASP C 19 14.58 33.17 34.59
C ASP C 19 13.56 32.29 35.30
N GLY C 20 14.00 31.20 35.96
CA GLY C 20 13.10 30.24 36.61
C GLY C 20 12.60 29.13 35.68
N LYS C 21 13.22 29.00 34.50
CA LYS C 21 12.84 28.05 33.47
C LYS C 21 13.80 26.86 33.49
N ILE C 22 13.34 25.67 33.05
CA ILE C 22 14.25 24.59 32.71
C ILE C 22 14.26 24.34 31.20
N GLY C 23 13.28 24.87 30.45
CA GLY C 23 13.31 24.80 28.99
C GLY C 23 12.70 23.51 28.43
N LEU C 24 11.59 23.07 29.04
CA LEU C 24 10.84 21.88 28.62
C LEU C 24 9.39 22.25 28.29
N ARG C 25 8.82 21.55 27.30
CA ARG C 25 7.39 21.25 27.32
C ARG C 25 7.20 19.74 27.46
N LEU C 26 6.09 19.38 28.12
CA LEU C 26 5.74 18.01 28.43
C LEU C 26 4.34 17.72 27.88
N LYS C 27 4.08 16.44 27.52
CA LYS C 27 2.82 16.05 26.91
C LYS C 27 2.38 14.68 27.45
N SER C 28 1.09 14.58 27.82
CA SER C 28 0.50 13.31 28.22
C SER C 28 0.26 12.44 27.00
N ILE C 29 0.80 11.20 27.02
CA ILE C 29 0.57 10.21 25.97
C ILE C 29 0.35 8.83 26.62
N ASP C 30 -0.82 8.21 26.38
CA ASP C 30 -1.10 6.85 26.85
C ASP C 30 -0.84 6.72 28.36
N ASN C 31 -1.15 7.78 29.12
CA ASN C 31 -1.01 7.84 30.59
C ASN C 31 0.43 7.82 31.04
N GLY C 32 1.35 8.14 30.12
CA GLY C 32 2.70 8.55 30.47
C GLY C 32 2.88 10.06 30.23
N ILE C 33 4.06 10.57 30.57
CA ILE C 33 4.44 11.94 30.28
C ILE C 33 5.70 11.93 29.44
N PHE C 34 5.68 12.69 28.34
CA PHE C 34 6.76 12.70 27.36
C PHE C 34 7.21 14.12 27.06
N VAL C 35 8.49 14.26 26.69
CA VAL C 35 9.09 15.53 26.29
C VAL C 35 8.65 15.86 24.87
N GLN C 36 7.98 17.01 24.73
CA GLN C 36 7.42 17.51 23.48
C GLN C 36 8.35 18.57 22.87
N LEU C 37 9.09 19.28 23.75
CA LEU C 37 10.05 20.27 23.28
C LEU C 37 11.16 20.46 24.32
N VAL C 38 12.41 20.46 23.86
CA VAL C 38 13.54 20.92 24.67
C VAL C 38 14.08 22.19 24.01
N GLN C 39 14.23 23.26 24.82
CA GLN C 39 14.77 24.54 24.35
C GLN C 39 16.30 24.49 24.28
N ALA C 40 16.89 25.13 23.26
CA ALA C 40 18.33 25.23 23.13
C ALA C 40 18.93 26.09 24.24
N ASN C 41 20.09 25.67 24.77
CA ASN C 41 20.83 26.38 25.81
C ASN C 41 20.01 26.50 27.09
N SER C 42 19.20 25.48 27.37
CA SER C 42 18.37 25.43 28.55
C SER C 42 19.00 24.45 29.54
N PRO C 43 18.67 24.50 30.84
CA PRO C 43 19.05 23.46 31.79
C PRO C 43 18.71 22.05 31.33
N ALA C 44 17.60 21.91 30.57
CA ALA C 44 17.13 20.63 30.09
C ALA C 44 18.03 20.08 28.98
N SER C 45 18.46 20.93 28.03
CA SER C 45 19.38 20.51 26.99
C SER C 45 20.75 20.14 27.57
N LEU C 46 21.28 20.97 28.50
CA LEU C 46 22.61 20.80 29.04
C LEU C 46 22.77 19.46 29.76
N VAL C 47 21.69 18.96 30.39
CA VAL C 47 21.77 17.71 31.15
C VAL C 47 21.38 16.52 30.27
N GLY C 48 20.96 16.77 29.02
CA GLY C 48 20.90 15.74 28.00
C GLY C 48 19.50 15.18 27.70
N LEU C 49 18.43 15.89 28.12
CA LEU C 49 17.05 15.52 27.80
C LEU C 49 16.77 15.78 26.33
N ARG C 50 15.95 14.89 25.73
CA ARG C 50 15.66 14.93 24.31
C ARG C 50 14.17 14.81 24.06
N PHE C 51 13.73 15.41 22.94
CA PHE C 51 12.41 15.14 22.40
C PHE C 51 12.13 13.65 22.46
N GLY C 52 10.95 13.28 23.01
CA GLY C 52 10.49 11.90 22.97
C GLY C 52 10.85 11.12 24.22
N ASP C 53 11.65 11.72 25.11
CA ASP C 53 12.01 11.10 26.38
C ASP C 53 10.75 10.95 27.24
N GLN C 54 10.67 9.85 28.00
CA GLN C 54 9.56 9.63 28.92
C GLN C 54 10.00 10.04 30.32
N VAL C 55 9.19 10.86 31.00
CA VAL C 55 9.45 11.27 32.38
C VAL C 55 8.61 10.42 33.32
N LEU C 56 9.28 9.53 34.06
CA LEU C 56 8.64 8.55 34.92
C LEU C 56 8.35 9.17 36.30
N GLN C 57 9.32 9.91 36.83
CA GLN C 57 9.16 10.63 38.09
C GLN C 57 9.76 12.03 38.02
N ILE C 58 9.13 12.95 38.78
CA ILE C 58 9.62 14.30 39.03
C ILE C 58 9.69 14.48 40.54
N ASN C 59 10.91 14.67 41.05
CA ASN C 59 11.17 14.79 42.47
C ASN C 59 10.60 13.55 43.19
N GLY C 60 10.73 12.36 42.58
CA GLY C 60 10.38 11.10 43.23
C GLY C 60 8.89 10.76 43.16
N GLU C 61 8.07 11.58 42.49
CA GLU C 61 6.64 11.34 42.34
C GLU C 61 6.34 10.75 40.96
N ASN C 62 5.54 9.68 40.91
CA ASN C 62 5.23 8.99 39.66
C ASN C 62 4.37 9.89 38.78
N CYS C 63 4.70 9.96 37.48
CA CYS C 63 4.03 10.84 36.54
C CYS C 63 2.82 10.16 35.88
N ALA C 64 2.65 8.85 36.11
CA ALA C 64 1.58 8.08 35.51
C ALA C 64 0.23 8.76 35.74
N GLY C 65 -0.47 9.00 34.63
CA GLY C 65 -1.83 9.49 34.66
C GLY C 65 -1.94 11.00 34.64
N TRP C 66 -0.81 11.72 34.82
CA TRP C 66 -0.83 13.17 34.89
C TRP C 66 -1.23 13.74 33.54
N SER C 67 -2.02 14.82 33.57
CA SER C 67 -2.23 15.64 32.38
C SER C 67 -0.97 16.49 32.14
N SER C 68 -0.82 17.01 30.92
CA SER C 68 0.21 17.98 30.56
C SER C 68 0.21 19.15 31.54
N ASP C 69 -0.98 19.72 31.78
CA ASP C 69 -1.21 20.87 32.64
C ASP C 69 -0.65 20.61 34.04
N LYS C 70 -0.86 19.39 34.55
CA LYS C 70 -0.42 19.03 35.90
C LYS C 70 1.09 18.82 35.96
N ALA C 71 1.68 18.28 34.88
CA ALA C 71 3.12 18.07 34.84
C ALA C 71 3.83 19.44 34.86
N HIS C 72 3.32 20.39 34.06
CA HIS C 72 3.83 21.76 34.01
C HIS C 72 3.66 22.50 35.32
N LYS C 73 2.48 22.34 35.94
CA LYS C 73 2.20 23.02 37.20
C LYS C 73 3.16 22.51 38.29
N VAL C 74 3.45 21.20 38.30
CA VAL C 74 4.34 20.62 39.30
C VAL C 74 5.77 21.16 39.16
N LEU C 75 6.21 21.29 37.90
CA LEU C 75 7.55 21.77 37.62
C LEU C 75 7.69 23.23 38.03
N LYS C 76 6.63 24.02 37.76
CA LYS C 76 6.63 25.43 38.08
C LYS C 76 6.71 25.65 39.58
N GLN C 77 6.13 24.75 40.40
CA GLN C 77 6.01 24.95 41.84
C GLN C 77 7.15 24.31 42.62
N ALA C 78 8.04 23.59 41.93
CA ALA C 78 9.21 22.99 42.56
C ALA C 78 10.25 24.08 42.87
N PHE C 79 10.90 23.98 44.05
CA PHE C 79 12.06 24.81 44.34
C PHE C 79 13.16 24.54 43.30
N GLY C 80 13.73 25.61 42.74
CA GLY C 80 14.52 25.53 41.52
C GLY C 80 15.91 24.92 41.72
N GLU C 81 16.38 24.89 42.98
CA GLU C 81 17.73 24.46 43.34
C GLU C 81 18.06 23.09 42.74
N LYS C 82 17.36 22.02 43.16
CA LYS C 82 17.61 20.67 42.64
C LYS C 82 16.28 19.99 42.30
N ILE C 83 16.07 19.73 41.00
CA ILE C 83 14.92 18.98 40.48
C ILE C 83 15.43 17.63 39.92
N THR C 84 14.99 16.51 40.52
CA THR C 84 15.36 15.19 40.03
C THR C 84 14.25 14.69 39.10
N MET C 85 14.64 14.19 37.93
CA MET C 85 13.73 13.54 36.99
C MET C 85 14.25 12.14 36.68
N THR C 86 13.35 11.17 36.65
CA THR C 86 13.70 9.82 36.22
C THR C 86 13.16 9.61 34.81
N ILE C 87 14.05 9.19 33.91
CA ILE C 87 13.87 9.28 32.46
C ILE C 87 14.03 7.89 31.84
N ARG C 88 13.07 7.50 30.99
CA ARG C 88 13.23 6.38 30.08
C ARG C 88 13.50 6.96 28.69
N ASP C 89 14.54 6.45 28.03
CA ASP C 89 15.13 7.08 26.86
C ASP C 89 14.30 6.78 25.62
N ARG C 90 13.87 7.87 24.94
CA ARG C 90 13.08 7.87 23.71
C ARG C 90 12.42 6.53 23.41
N PRO C 91 11.38 6.15 24.18
CA PRO C 91 10.75 4.84 24.08
C PRO C 91 10.02 4.52 22.79
N PHE C 92 9.51 5.58 22.11
CA PHE C 92 8.72 5.42 20.89
C PHE C 92 9.61 5.45 19.64
N GLU C 93 10.94 5.53 19.79
CA GLU C 93 11.85 5.78 18.68
C GLU C 93 12.83 4.62 18.53
N ARG C 94 13.38 4.50 17.30
N ARG C 94 13.34 4.43 17.31
CA ARG C 94 14.44 3.57 16.95
CA ARG C 94 14.49 3.57 17.04
C ARG C 94 15.48 4.27 16.08
C ARG C 94 15.48 4.26 16.08
N THR C 95 16.73 3.79 16.09
CA THR C 95 17.75 4.32 15.20
C THR C 95 18.15 3.28 14.14
N ILE C 96 18.22 3.74 12.88
CA ILE C 96 18.62 2.91 11.75
C ILE C 96 19.95 3.43 11.20
N THR C 97 20.95 2.56 11.05
CA THR C 97 22.23 2.95 10.45
C THR C 97 22.31 2.51 8.98
N MET C 98 22.70 3.45 8.12
CA MET C 98 22.74 3.27 6.67
C MET C 98 24.09 3.78 6.12
N HIS C 99 24.51 3.27 4.96
CA HIS C 99 25.72 3.68 4.27
C HIS C 99 25.35 4.25 2.90
N LYS C 100 25.92 5.41 2.56
CA LYS C 100 25.66 6.02 1.27
C LYS C 100 26.22 5.15 0.14
N ASP C 101 25.58 5.23 -1.04
CA ASP C 101 26.08 4.60 -2.25
C ASP C 101 27.18 5.49 -2.86
N SER C 102 27.50 5.26 -4.14
CA SER C 102 28.48 6.07 -4.86
C SER C 102 27.94 7.47 -5.18
N THR C 103 26.62 7.59 -5.45
CA THR C 103 25.96 8.86 -5.74
C THR C 103 25.66 9.62 -4.44
N GLY C 104 26.06 9.08 -3.28
CA GLY C 104 25.89 9.77 -2.00
C GLY C 104 24.45 9.76 -1.48
N HIS C 105 23.74 8.66 -1.77
CA HIS C 105 22.34 8.47 -1.39
C HIS C 105 22.24 7.28 -0.42
N VAL C 106 21.27 7.30 0.50
CA VAL C 106 21.03 6.18 1.42
C VAL C 106 19.79 5.39 1.01
N GLY C 107 18.79 6.09 0.44
CA GLY C 107 17.78 5.47 -0.40
C GLY C 107 16.35 5.65 0.12
N PHE C 108 15.94 6.91 0.34
CA PHE C 108 14.57 7.18 0.71
C PHE C 108 14.16 8.60 0.34
N ILE C 109 12.84 8.78 0.31
CA ILE C 109 12.17 10.03 -0.01
C ILE C 109 11.37 10.44 1.22
N PHE C 110 11.26 11.75 1.46
CA PHE C 110 10.55 12.26 2.62
C PHE C 110 9.89 13.60 2.30
N LYS C 111 8.92 13.98 3.15
CA LYS C 111 8.08 15.15 2.97
C LYS C 111 7.47 15.50 4.33
N ASN C 112 7.63 16.75 4.78
CA ASN C 112 7.29 17.18 6.13
C ASN C 112 7.99 16.29 7.16
N GLY C 113 9.24 15.90 6.87
CA GLY C 113 10.06 15.12 7.78
C GLY C 113 9.66 13.65 7.85
N LYS C 114 8.59 13.25 7.13
CA LYS C 114 8.04 11.91 7.17
C LYS C 114 8.51 11.11 5.97
N ILE C 115 9.07 9.92 6.22
CA ILE C 115 9.60 9.05 5.17
C ILE C 115 8.43 8.50 4.39
N THR C 116 8.48 8.64 3.04
CA THR C 116 7.34 8.32 2.20
C THR C 116 7.63 7.21 1.20
N SER C 117 8.91 6.95 0.90
CA SER C 117 9.22 5.94 -0.09
C SER C 117 10.62 5.39 0.15
N ILE C 118 10.76 4.07 -0.03
CA ILE C 118 12.04 3.41 0.12
C ILE C 118 12.49 2.97 -1.27
N VAL C 119 13.75 3.28 -1.58
CA VAL C 119 14.33 3.06 -2.89
C VAL C 119 14.87 1.64 -2.93
N LYS C 120 14.58 0.91 -4.03
CA LYS C 120 14.94 -0.49 -4.18
C LYS C 120 16.47 -0.65 -4.24
N ASP C 121 16.95 -1.73 -3.59
CA ASP C 121 18.37 -2.08 -3.48
C ASP C 121 19.23 -0.94 -2.93
N SER C 122 18.64 -0.06 -2.10
CA SER C 122 19.39 0.95 -1.36
C SER C 122 19.79 0.42 0.01
N SER C 123 20.57 1.22 0.74
CA SER C 123 20.90 0.91 2.13
C SER C 123 19.65 0.98 3.02
N ALA C 124 18.76 1.94 2.76
CA ALA C 124 17.47 2.07 3.41
C ALA C 124 16.67 0.76 3.32
N ALA C 125 16.60 0.18 2.11
CA ALA C 125 15.96 -1.09 1.88
C ALA C 125 16.66 -2.23 2.62
N ARG C 126 17.99 -2.32 2.54
CA ARG C 126 18.74 -3.40 3.19
C ARG C 126 18.53 -3.40 4.70
N ASN C 127 18.42 -2.20 5.31
CA ASN C 127 18.33 -2.03 6.75
C ASN C 127 16.87 -1.96 7.24
N GLY C 128 15.89 -1.97 6.33
CA GLY C 128 14.49 -2.11 6.68
C GLY C 128 13.88 -0.83 7.25
N LEU C 129 14.34 0.31 6.71
CA LEU C 129 13.73 1.59 6.98
C LEU C 129 12.27 1.52 6.52
N LEU C 130 11.40 2.19 7.29
CA LEU C 130 9.97 2.11 7.08
C LEU C 130 9.45 3.46 6.62
N THR C 131 8.32 3.42 5.88
CA THR C 131 7.59 4.64 5.54
C THR C 131 6.60 4.95 6.66
N GLU C 132 5.92 6.09 6.53
CA GLU C 132 4.99 6.56 7.54
C GLU C 132 5.70 6.70 8.90
N HIS C 133 6.98 7.09 8.87
CA HIS C 133 7.75 7.37 10.08
C HIS C 133 8.35 8.79 9.98
N ASN C 134 8.24 9.58 11.05
CA ASN C 134 8.85 10.91 11.10
C ASN C 134 10.31 10.82 11.53
N ILE C 135 11.18 11.58 10.82
CA ILE C 135 12.58 11.71 11.17
C ILE C 135 12.67 12.68 12.34
N CYS C 136 13.30 12.20 13.43
CA CYS C 136 13.43 12.93 14.69
C CYS C 136 14.85 13.48 14.87
N GLU C 137 15.86 12.66 14.51
CA GLU C 137 17.25 13.02 14.67
C GLU C 137 18.03 12.45 13.49
N ILE C 138 19.16 13.12 13.16
CA ILE C 138 20.14 12.60 12.20
C ILE C 138 21.52 12.71 12.84
N ASN C 139 22.18 11.56 12.99
CA ASN C 139 23.46 11.47 13.67
C ASN C 139 23.37 12.10 15.06
N GLY C 140 22.26 11.85 15.79
CA GLY C 140 22.07 12.37 17.14
C GLY C 140 21.65 13.84 17.21
N GLN C 141 21.50 14.52 16.06
CA GLN C 141 21.04 15.89 16.03
C GLN C 141 19.52 15.95 15.79
N ASN C 142 18.78 16.59 16.71
CA ASN C 142 17.36 16.85 16.58
C ASN C 142 17.10 17.72 15.34
N VAL C 143 16.16 17.30 14.46
CA VAL C 143 15.85 18.02 13.24
C VAL C 143 14.35 18.33 13.15
N ILE C 144 13.69 18.34 14.31
CA ILE C 144 12.25 18.51 14.36
C ILE C 144 11.94 20.00 14.25
N GLY C 145 11.20 20.38 13.19
CA GLY C 145 10.86 21.78 12.96
C GLY C 145 11.66 22.43 11.83
N LEU C 146 12.79 21.83 11.46
CA LEU C 146 13.56 22.25 10.30
C LEU C 146 12.76 21.99 9.02
N LYS C 147 13.01 22.80 7.99
CA LYS C 147 12.42 22.63 6.68
C LYS C 147 13.05 21.39 6.06
N ASP C 148 12.37 20.83 5.04
CA ASP C 148 12.86 19.63 4.39
C ASP C 148 14.19 19.91 3.70
N SER C 149 14.35 21.13 3.18
CA SER C 149 15.58 21.54 2.52
C SER C 149 16.74 21.47 3.51
N GLN C 150 16.51 21.87 4.77
CA GLN C 150 17.55 21.87 5.79
C GLN C 150 17.91 20.42 6.18
N ILE C 151 16.91 19.54 6.22
CA ILE C 151 17.13 18.14 6.56
C ILE C 151 17.94 17.49 5.44
N ALA C 152 17.60 17.78 4.17
CA ALA C 152 18.32 17.24 3.03
C ALA C 152 19.78 17.70 3.03
N ASP C 153 20.01 18.97 3.42
CA ASP C 153 21.35 19.54 3.47
C ASP C 153 22.21 18.78 4.48
N ILE C 154 21.64 18.50 5.66
CA ILE C 154 22.32 17.78 6.73
C ILE C 154 22.64 16.35 6.28
N LEU C 155 21.77 15.79 5.42
CA LEU C 155 21.98 14.45 4.91
C LEU C 155 23.17 14.46 3.96
N SER C 156 23.28 15.47 3.08
CA SER C 156 24.41 15.58 2.16
C SER C 156 25.73 15.79 2.92
N THR C 157 25.75 16.71 3.89
CA THR C 157 26.97 17.07 4.62
C THR C 157 27.38 16.02 5.66
N SER C 158 26.59 14.94 5.83
CA SER C 158 26.97 13.82 6.68
C SER C 158 28.01 12.98 5.94
N GLY C 159 28.77 12.18 6.71
CA GLY C 159 29.71 11.25 6.14
C GLY C 159 28.99 10.14 5.38
N THR C 160 29.69 9.02 5.14
CA THR C 160 29.11 7.94 4.38
C THR C 160 28.12 7.23 5.29
N VAL C 161 28.44 7.14 6.59
CA VAL C 161 27.60 6.46 7.57
C VAL C 161 26.59 7.47 8.13
N VAL C 162 25.29 7.08 8.04
CA VAL C 162 24.16 7.93 8.38
C VAL C 162 23.23 7.15 9.31
N THR C 163 23.04 7.70 10.52
CA THR C 163 22.11 7.15 11.49
C THR C 163 20.89 8.05 11.55
N ILE C 164 19.71 7.46 11.41
CA ILE C 164 18.44 8.21 11.49
C ILE C 164 17.65 7.68 12.69
N THR C 165 17.14 8.62 13.50
CA THR C 165 16.23 8.25 14.57
C THR C 165 14.81 8.53 14.11
N ILE C 166 13.95 7.49 14.12
CA ILE C 166 12.60 7.58 13.59
C ILE C 166 11.55 7.21 14.63
N MET C 167 10.34 7.72 14.40
CA MET C 167 9.17 7.53 15.24
C MET C 167 7.96 7.30 14.32
N PRO C 168 7.08 6.30 14.60
CA PRO C 168 5.84 6.13 13.83
C PRO C 168 5.04 7.42 13.76
N ALA C 169 4.63 7.78 12.53
CA ALA C 169 3.97 9.07 12.27
C ALA C 169 2.81 9.33 13.22
N PHE C 170 1.97 8.31 13.50
N PHE C 170 1.95 8.33 13.47
CA PHE C 170 0.75 8.50 14.28
CA PHE C 170 0.74 8.56 14.27
C PHE C 170 1.10 8.92 15.70
C PHE C 170 1.10 8.94 15.69
N ILE C 171 2.26 8.48 16.19
CA ILE C 171 2.70 8.82 17.54
C ILE C 171 3.31 10.22 17.54
N PHE C 172 4.15 10.50 16.53
CA PHE C 172 4.73 11.82 16.33
C PHE C 172 3.66 12.92 16.25
N GLU C 173 2.62 12.70 15.44
CA GLU C 173 1.53 13.65 15.28
C GLU C 173 0.81 13.89 16.61
N HIS C 174 0.76 12.87 17.47
CA HIS C 174 0.12 13.01 18.77
C HIS C 174 1.02 13.77 19.74
N ILE C 175 2.35 13.59 19.65
CA ILE C 175 3.27 14.23 20.60
C ILE C 175 3.33 15.75 20.37
N ILE C 176 3.23 16.20 19.11
CA ILE C 176 3.44 17.60 18.76
C ILE C 176 2.15 18.42 18.82
N LYS C 177 1.00 17.80 19.12
CA LYS C 177 -0.24 18.52 19.40
C LYS C 177 -0.07 19.41 20.64
N ARG C 178 -0.82 20.53 20.69
CA ARG C 178 -0.77 21.53 21.76
C ARG C 178 0.54 22.34 21.65
N MET C 179 1.01 22.51 20.40
CA MET C 179 2.23 23.23 20.13
C MET C 179 2.17 23.69 18.67
N ALA C 180 2.17 25.01 18.47
CA ALA C 180 2.03 25.62 17.15
C ALA C 180 3.33 25.43 16.37
N PRO C 181 3.28 25.04 15.07
CA PRO C 181 4.49 24.84 14.27
C PRO C 181 5.59 25.89 14.36
N SER C 182 5.25 27.16 14.61
CA SER C 182 6.21 28.27 14.63
C SER C 182 7.04 28.30 15.93
N ILE C 183 6.49 27.71 17.00
CA ILE C 183 7.18 27.56 18.28
C ILE C 183 8.18 26.41 18.20
N MET C 184 7.77 25.33 17.53
CA MET C 184 8.56 24.12 17.37
C MET C 184 9.79 24.43 16.51
N LYS C 185 9.61 25.24 15.47
CA LYS C 185 10.69 25.62 14.56
C LYS C 185 11.72 26.52 15.26
N SER C 186 11.21 27.49 16.06
CA SER C 186 12.03 28.56 16.58
C SER C 186 12.66 28.24 17.94
N LEU C 187 12.07 27.32 18.75
CA LEU C 187 12.57 27.06 20.09
C LEU C 187 13.32 25.72 20.25
N MET C 188 12.99 24.73 19.40
CA MET C 188 13.48 23.37 19.58
C MET C 188 15.01 23.34 19.48
N ASP C 189 15.61 22.58 20.40
CA ASP C 189 17.03 22.29 20.44
C ASP C 189 17.45 21.54 19.18
N HIS C 190 18.37 22.13 18.41
CA HIS C 190 18.96 21.51 17.22
C HIS C 190 20.49 21.51 17.34
N THR C 191 20.98 21.73 18.58
CA THR C 191 22.35 21.57 19.04
C THR C 191 23.05 20.33 18.54
N ILE C 192 24.36 20.46 18.27
CA ILE C 192 25.23 19.30 18.24
C ILE C 192 25.94 19.27 19.59
N PRO C 193 25.81 18.21 20.41
CA PRO C 193 26.33 18.26 21.78
C PRO C 193 27.87 18.27 21.78
N GLU C 194 28.44 17.43 20.90
CA GLU C 194 29.79 16.91 20.99
C GLU C 194 30.20 16.44 19.59
N VAL C 195 31.49 16.60 19.27
CA VAL C 195 31.97 16.26 17.95
C VAL C 195 33.03 15.15 18.08
N ILE D 5 11.35 27.51 -28.01
CA ILE D 5 10.46 28.26 -28.95
C ILE D 5 11.32 29.04 -29.95
N LYS D 6 11.43 28.51 -31.19
CA LYS D 6 12.31 29.05 -32.23
C LYS D 6 11.58 30.15 -33.00
N GLN D 7 12.31 31.23 -33.31
CA GLN D 7 11.76 32.45 -33.85
C GLN D 7 11.67 32.37 -35.38
N GLY D 8 10.74 33.14 -35.94
CA GLY D 8 10.37 32.98 -37.33
C GLY D 8 9.63 31.66 -37.60
N ILE D 9 9.67 31.31 -38.90
CA ILE D 9 8.60 30.63 -39.61
C ILE D 9 9.16 29.33 -40.21
N ARG D 10 8.43 28.22 -40.17
CA ARG D 10 8.86 27.01 -40.86
C ARG D 10 7.73 26.52 -41.77
N GLU D 11 8.10 25.80 -42.85
CA GLU D 11 7.13 25.16 -43.73
C GLU D 11 7.03 23.69 -43.32
N VAL D 12 5.80 23.16 -43.23
CA VAL D 12 5.59 21.74 -43.01
C VAL D 12 4.73 21.18 -44.16
N ILE D 13 4.89 19.88 -44.43
CA ILE D 13 4.22 19.20 -45.53
C ILE D 13 3.55 17.95 -44.96
N LEU D 14 2.22 17.80 -45.20
CA LEU D 14 1.43 16.72 -44.64
C LEU D 14 0.78 15.90 -45.76
N CYS D 15 0.63 14.59 -45.49
CA CYS D 15 -0.32 13.75 -46.19
C CYS D 15 -1.46 13.41 -45.24
N LYS D 16 -2.69 13.57 -45.72
CA LYS D 16 -3.88 13.10 -45.01
C LYS D 16 -3.73 11.59 -44.82
N ASP D 17 -4.28 11.06 -43.72
CA ASP D 17 -4.20 9.62 -43.47
C ASP D 17 -5.23 8.92 -44.37
N GLN D 18 -5.50 7.64 -44.10
CA GLN D 18 -6.40 6.84 -44.92
C GLN D 18 -7.85 7.33 -44.79
N ASP D 19 -8.15 8.08 -43.71
CA ASP D 19 -9.50 8.57 -43.47
C ASP D 19 -9.72 9.97 -44.05
N GLY D 20 -8.65 10.62 -44.52
CA GLY D 20 -8.72 12.00 -45.00
C GLY D 20 -8.49 13.05 -43.92
N LYS D 21 -8.00 12.63 -42.74
CA LYS D 21 -7.77 13.49 -41.59
C LYS D 21 -6.29 13.84 -41.47
N ILE D 22 -5.97 15.02 -40.91
CA ILE D 22 -4.59 15.35 -40.56
C ILE D 22 -4.41 15.42 -39.03
N GLY D 23 -5.50 15.49 -38.26
CA GLY D 23 -5.42 15.44 -36.81
C GLY D 23 -5.17 16.80 -36.17
N LEU D 24 -5.83 17.84 -36.70
CA LEU D 24 -5.77 19.21 -36.22
C LEU D 24 -7.18 19.70 -35.87
N ARG D 25 -7.26 20.55 -34.82
CA ARG D 25 -8.32 21.54 -34.73
C ARG D 25 -7.68 22.93 -34.69
N LEU D 26 -8.40 23.93 -35.21
CA LEU D 26 -7.90 25.27 -35.41
C LEU D 26 -8.86 26.26 -34.72
N LYS D 27 -8.32 27.41 -34.28
CA LYS D 27 -9.12 28.43 -33.63
C LYS D 27 -8.69 29.83 -34.11
N SER D 28 -9.67 30.69 -34.41
CA SER D 28 -9.41 32.09 -34.76
C SER D 28 -9.12 32.88 -33.50
N ILE D 29 -7.96 33.57 -33.48
CA ILE D 29 -7.56 34.43 -32.36
C ILE D 29 -6.93 35.70 -32.92
N ASP D 30 -7.52 36.87 -32.60
CA ASP D 30 -6.96 38.16 -32.99
C ASP D 30 -6.67 38.19 -34.49
N ASN D 31 -7.57 37.58 -35.30
CA ASN D 31 -7.50 37.54 -36.76
C ASN D 31 -6.32 36.71 -37.28
N GLY D 32 -5.80 35.84 -36.41
CA GLY D 32 -4.86 34.81 -36.80
C GLY D 32 -5.56 33.46 -36.66
N ILE D 33 -4.86 32.40 -37.10
CA ILE D 33 -5.37 31.04 -36.91
C ILE D 33 -4.34 30.23 -36.10
N PHE D 34 -4.83 29.57 -35.04
CA PHE D 34 -3.96 28.88 -34.11
C PHE D 34 -4.42 27.43 -33.89
N VAL D 35 -3.46 26.56 -33.61
CA VAL D 35 -3.71 25.15 -33.34
C VAL D 35 -4.25 25.03 -31.91
N GLN D 36 -5.43 24.46 -31.82
CA GLN D 36 -6.17 24.27 -30.58
C GLN D 36 -6.04 22.82 -30.12
N LEU D 37 -5.84 21.89 -31.08
CA LEU D 37 -5.59 20.49 -30.75
C LEU D 37 -4.75 19.79 -31.82
N VAL D 38 -3.72 19.06 -31.39
CA VAL D 38 -3.02 18.10 -32.24
C VAL D 38 -3.30 16.69 -31.70
N GLN D 39 -3.78 15.80 -32.59
CA GLN D 39 -4.08 14.42 -32.25
C GLN D 39 -2.79 13.58 -32.24
N ALA D 40 -2.71 12.62 -31.31
CA ALA D 40 -1.60 11.68 -31.23
C ALA D 40 -1.65 10.73 -32.44
N ASN D 41 -0.47 10.39 -32.99
CA ASN D 41 -0.34 9.44 -34.09
C ASN D 41 -1.02 9.98 -35.35
N SER D 42 -1.05 11.31 -35.50
CA SER D 42 -1.69 11.94 -36.63
C SER D 42 -0.61 12.44 -37.58
N PRO D 43 -0.94 12.69 -38.86
CA PRO D 43 0.00 13.39 -39.76
C PRO D 43 0.54 14.71 -39.19
N ALA D 44 -0.29 15.39 -38.38
CA ALA D 44 0.09 16.67 -37.80
C ALA D 44 1.12 16.49 -36.68
N SER D 45 0.98 15.48 -35.82
CA SER D 45 1.99 15.18 -34.80
C SER D 45 3.32 14.77 -35.43
N LEU D 46 3.28 13.88 -36.44
CA LEU D 46 4.47 13.33 -37.05
C LEU D 46 5.35 14.43 -37.70
N VAL D 47 4.73 15.50 -38.21
CA VAL D 47 5.48 16.58 -38.88
C VAL D 47 5.86 17.69 -37.89
N GLY D 48 5.40 17.58 -36.63
CA GLY D 48 5.93 18.35 -35.52
C GLY D 48 5.10 19.57 -35.12
N LEU D 49 3.81 19.59 -35.48
CA LEU D 49 2.88 20.65 -35.09
C LEU D 49 2.53 20.49 -33.61
N ARG D 50 2.36 21.63 -32.92
CA ARG D 50 1.99 21.65 -31.52
C ARG D 50 0.83 22.60 -31.23
N PHE D 51 0.10 22.31 -30.15
CA PHE D 51 -0.86 23.23 -29.56
C PHE D 51 -0.21 24.61 -29.48
N GLY D 52 -0.93 25.63 -29.95
CA GLY D 52 -0.49 27.00 -29.82
C GLY D 52 0.27 27.52 -31.03
N ASP D 53 0.59 26.63 -31.99
CA ASP D 53 1.26 27.03 -33.22
C ASP D 53 0.33 27.95 -34.03
N GLN D 54 0.91 28.93 -34.72
CA GLN D 54 0.14 29.81 -35.60
C GLN D 54 0.28 29.31 -37.03
N VAL D 55 -0.86 29.17 -37.72
CA VAL D 55 -0.89 28.81 -39.14
C VAL D 55 -1.05 30.08 -39.98
N LEU D 56 0.02 30.45 -40.69
CA LEU D 56 0.08 31.67 -41.47
C LEU D 56 -0.54 31.45 -42.86
N GLN D 57 -0.18 30.31 -43.47
CA GLN D 57 -0.72 29.91 -44.76
C GLN D 57 -1.05 28.43 -44.78
N ILE D 58 -2.09 28.10 -45.58
CA ILE D 58 -2.47 26.74 -45.93
C ILE D 58 -2.50 26.66 -47.46
N ASN D 59 -1.59 25.84 -48.01
CA ASN D 59 -1.41 25.71 -49.44
C ASN D 59 -1.13 27.07 -50.06
N GLY D 60 -0.37 27.92 -49.37
CA GLY D 60 0.05 29.21 -49.93
C GLY D 60 -1.00 30.33 -49.81
N GLU D 61 -2.16 30.07 -49.18
CA GLU D 61 -3.18 31.10 -48.97
C GLU D 61 -3.08 31.66 -47.54
N ASN D 62 -3.09 33.00 -47.41
CA ASN D 62 -3.00 33.65 -46.12
C ASN D 62 -4.22 33.34 -45.27
N CYS D 63 -3.98 33.02 -43.99
CA CYS D 63 -5.06 32.61 -43.08
C CYS D 63 -5.68 33.82 -42.38
N ALA D 64 -5.06 35.00 -42.53
CA ALA D 64 -5.46 36.19 -41.80
C ALA D 64 -6.97 36.44 -41.99
N GLY D 65 -7.66 36.54 -40.86
CA GLY D 65 -9.05 36.96 -40.80
C GLY D 65 -10.03 35.80 -40.93
N TRP D 66 -9.54 34.58 -41.23
CA TRP D 66 -10.41 33.43 -41.38
C TRP D 66 -11.02 33.09 -40.02
N SER D 67 -12.30 32.71 -40.04
CA SER D 67 -12.94 32.08 -38.89
C SER D 67 -12.43 30.64 -38.76
N SER D 68 -12.63 30.03 -37.60
CA SER D 68 -12.38 28.61 -37.36
C SER D 68 -13.06 27.75 -38.43
N ASP D 69 -14.37 28.00 -38.67
CA ASP D 69 -15.20 27.27 -39.62
C ASP D 69 -14.57 27.25 -41.03
N LYS D 70 -14.01 28.41 -41.43
CA LYS D 70 -13.43 28.56 -42.75
C LYS D 70 -12.07 27.86 -42.86
N ALA D 71 -11.30 27.87 -41.76
CA ALA D 71 -10.01 27.20 -41.75
C ALA D 71 -10.21 25.70 -41.89
N HIS D 72 -11.20 25.14 -41.14
CA HIS D 72 -11.56 23.73 -41.20
C HIS D 72 -12.10 23.33 -42.58
N LYS D 73 -12.95 24.18 -43.15
CA LYS D 73 -13.53 23.90 -44.46
C LYS D 73 -12.42 23.84 -45.51
N VAL D 74 -11.42 24.74 -45.41
CA VAL D 74 -10.34 24.79 -46.39
C VAL D 74 -9.47 23.53 -46.29
N LEU D 75 -9.23 23.05 -45.07
CA LEU D 75 -8.43 21.86 -44.85
C LEU D 75 -9.14 20.63 -45.40
N LYS D 76 -10.45 20.57 -45.20
CA LYS D 76 -11.26 19.46 -45.69
C LYS D 76 -11.21 19.38 -47.23
N GLN D 77 -11.14 20.53 -47.92
CA GLN D 77 -11.26 20.58 -49.37
C GLN D 77 -9.90 20.59 -50.07
N ALA D 78 -8.80 20.56 -49.30
CA ALA D 78 -7.46 20.40 -49.86
C ALA D 78 -7.27 18.98 -50.38
N PHE D 79 -6.64 18.81 -51.56
CA PHE D 79 -7.10 17.75 -52.43
C PHE D 79 -6.72 16.34 -51.99
N GLY D 80 -5.50 16.10 -51.45
CA GLY D 80 -5.25 14.87 -50.70
C GLY D 80 -3.80 14.76 -50.21
N GLU D 81 -3.03 13.94 -50.93
CA GLU D 81 -1.63 14.15 -51.30
C GLU D 81 -0.84 15.14 -50.42
N LYS D 82 -0.60 16.38 -50.89
CA LYS D 82 0.40 17.24 -50.28
C LYS D 82 -0.21 18.58 -49.85
N ILE D 83 -0.21 18.81 -48.53
CA ILE D 83 -0.67 20.06 -47.92
C ILE D 83 0.52 20.81 -47.34
N THR D 84 0.79 22.02 -47.85
CA THR D 84 1.82 22.88 -47.30
C THR D 84 1.18 23.81 -46.27
N MET D 85 1.80 23.91 -45.09
CA MET D 85 1.41 24.88 -44.07
C MET D 85 2.64 25.70 -43.70
N THR D 86 2.44 27.01 -43.56
CA THR D 86 3.49 27.87 -43.03
C THR D 86 3.15 28.20 -41.58
N ILE D 87 4.12 27.93 -40.69
CA ILE D 87 3.92 27.82 -39.25
C ILE D 87 4.84 28.81 -38.54
N ARG D 88 4.27 29.62 -37.65
CA ARG D 88 5.04 30.39 -36.68
C ARG D 88 4.92 29.65 -35.34
N ASP D 89 6.07 29.43 -34.70
CA ASP D 89 6.14 28.52 -33.57
C ASP D 89 5.62 29.15 -32.28
N ARG D 90 4.63 28.49 -31.66
CA ARG D 90 3.97 28.83 -30.40
C ARG D 90 4.22 30.27 -29.99
N PRO D 91 3.59 31.24 -30.71
CA PRO D 91 3.84 32.66 -30.48
C PRO D 91 3.35 33.21 -29.15
N PHE D 92 2.30 32.58 -28.57
CA PHE D 92 1.70 33.03 -27.31
C PHE D 92 2.36 32.42 -26.07
N GLU D 93 3.40 31.58 -26.28
CA GLU D 93 4.01 30.82 -25.20
C GLU D 93 5.49 31.19 -25.03
N ARG D 94 6.01 30.93 -23.82
CA ARG D 94 7.43 31.06 -23.50
C ARG D 94 7.89 29.88 -22.66
N THR D 95 9.20 29.58 -22.68
CA THR D 95 9.73 28.50 -21.86
C THR D 95 10.67 29.03 -20.77
N ILE D 96 10.49 28.50 -19.56
CA ILE D 96 11.29 28.87 -18.40
C ILE D 96 12.07 27.63 -17.97
N THR D 97 13.40 27.78 -17.83
CA THR D 97 14.28 26.68 -17.39
C THR D 97 14.62 26.84 -15.90
N MET D 98 14.42 25.75 -15.14
CA MET D 98 14.52 25.73 -13.69
C MET D 98 15.33 24.49 -13.26
N HIS D 99 15.98 24.56 -12.08
CA HIS D 99 16.70 23.41 -11.53
C HIS D 99 16.03 22.98 -10.24
N LYS D 100 15.76 21.69 -10.09
CA LYS D 100 15.19 21.18 -8.86
C LYS D 100 16.20 21.35 -7.70
N ASP D 101 15.67 21.54 -6.48
CA ASP D 101 16.49 21.64 -5.27
C ASP D 101 16.82 20.21 -4.80
N SER D 102 17.24 20.09 -3.53
CA SER D 102 17.53 18.80 -2.92
C SER D 102 16.25 17.99 -2.68
N THR D 103 15.14 18.67 -2.32
CA THR D 103 13.84 18.05 -2.10
C THR D 103 13.10 17.78 -3.42
N GLY D 104 13.75 18.05 -4.56
CA GLY D 104 13.19 17.75 -5.87
C GLY D 104 12.09 18.72 -6.31
N HIS D 105 12.15 19.97 -5.84
CA HIS D 105 11.15 21.00 -6.07
C HIS D 105 11.77 22.13 -6.90
N VAL D 106 10.92 22.84 -7.66
CA VAL D 106 11.34 23.96 -8.49
C VAL D 106 10.76 25.25 -7.89
N GLY D 107 9.56 25.20 -7.30
CA GLY D 107 9.09 26.25 -6.42
C GLY D 107 7.83 27.00 -6.86
N PHE D 108 6.73 26.27 -7.10
CA PHE D 108 5.46 26.93 -7.40
C PHE D 108 4.25 26.05 -7.05
N ILE D 109 3.09 26.69 -6.98
CA ILE D 109 1.80 26.08 -6.75
C ILE D 109 0.94 26.29 -8.00
N PHE D 110 0.14 25.27 -8.32
CA PHE D 110 -0.73 25.32 -9.47
C PHE D 110 -2.01 24.54 -9.19
N LYS D 111 -3.03 24.88 -9.98
CA LYS D 111 -4.37 24.37 -9.82
C LYS D 111 -5.06 24.52 -11.18
N ASN D 112 -5.60 23.39 -11.68
CA ASN D 112 -6.20 23.34 -13.01
C ASN D 112 -5.18 23.78 -14.06
N GLY D 113 -3.92 23.39 -13.83
CA GLY D 113 -2.83 23.66 -14.77
C GLY D 113 -2.33 25.10 -14.74
N LYS D 114 -2.98 25.97 -13.93
CA LYS D 114 -2.64 27.39 -13.86
C LYS D 114 -1.76 27.67 -12.65
N ILE D 115 -0.61 28.33 -12.88
CA ILE D 115 0.33 28.68 -11.82
C ILE D 115 -0.31 29.78 -10.97
N THR D 116 -0.37 29.55 -9.64
CA THR D 116 -1.10 30.43 -8.74
C THR D 116 -0.19 31.06 -7.67
N SER D 117 0.97 30.47 -7.36
CA SER D 117 1.84 31.05 -6.36
C SER D 117 3.28 30.67 -6.67
N ILE D 118 4.22 31.61 -6.41
CA ILE D 118 5.65 31.34 -6.57
C ILE D 118 6.25 31.30 -5.16
N VAL D 119 7.10 30.29 -4.94
CA VAL D 119 7.71 30.05 -3.66
C VAL D 119 8.98 30.91 -3.56
N LYS D 120 9.15 31.57 -2.39
CA LYS D 120 10.25 32.49 -2.14
C LYS D 120 11.59 31.75 -2.17
N ASP D 121 12.57 32.40 -2.83
CA ASP D 121 13.93 31.91 -3.04
C ASP D 121 13.98 30.48 -3.61
N SER D 122 13.00 30.14 -4.45
CA SER D 122 13.03 28.93 -5.27
C SER D 122 13.66 29.21 -6.63
N SER D 123 13.83 28.15 -7.42
CA SER D 123 14.29 28.27 -8.80
C SER D 123 13.24 29.03 -9.65
N ALA D 124 11.96 28.74 -9.42
CA ALA D 124 10.84 29.45 -10.04
C ALA D 124 10.97 30.96 -9.84
N ALA D 125 11.24 31.40 -8.60
CA ALA D 125 11.46 32.80 -8.28
C ALA D 125 12.69 33.35 -8.99
N ARG D 126 13.83 32.63 -8.93
CA ARG D 126 15.07 33.11 -9.53
C ARG D 126 14.91 33.34 -11.03
N ASN D 127 14.14 32.48 -11.70
CA ASN D 127 13.99 32.48 -13.16
C ASN D 127 12.75 33.27 -13.60
N GLY D 128 11.95 33.80 -12.67
CA GLY D 128 10.91 34.77 -12.97
C GLY D 128 9.66 34.14 -13.56
N LEU D 129 9.31 32.96 -13.06
CA LEU D 129 8.06 32.31 -13.38
C LEU D 129 6.94 33.21 -12.89
N LEU D 130 5.84 33.23 -13.65
CA LEU D 130 4.74 34.15 -13.41
C LEU D 130 3.51 33.35 -12.98
N THR D 131 2.62 33.98 -12.21
CA THR D 131 1.31 33.41 -11.92
C THR D 131 0.33 33.81 -13.01
N GLU D 132 -0.91 33.32 -12.90
CA GLU D 132 -1.95 33.58 -13.89
C GLU D 132 -1.48 33.11 -15.28
N HIS D 133 -0.68 32.04 -15.33
CA HIS D 133 -0.22 31.44 -16.57
C HIS D 133 -0.52 29.95 -16.56
N ASN D 134 -1.08 29.42 -17.65
CA ASN D 134 -1.40 28.00 -17.79
C ASN D 134 -0.18 27.22 -18.27
N ILE D 135 0.08 26.05 -17.66
CA ILE D 135 1.15 25.14 -18.06
C ILE D 135 0.71 24.40 -19.32
N CYS D 136 1.52 24.51 -20.39
CA CYS D 136 1.22 23.96 -21.70
C CYS D 136 2.08 22.72 -22.00
N GLU D 137 3.37 22.77 -21.63
CA GLU D 137 4.30 21.70 -21.91
C GLU D 137 5.32 21.60 -20.78
N ILE D 138 5.93 20.41 -20.64
CA ILE D 138 7.05 20.14 -19.75
C ILE D 138 8.12 19.37 -20.52
N ASN D 139 9.30 19.97 -20.64
CA ASN D 139 10.40 19.43 -21.43
C ASN D 139 9.92 19.11 -22.85
N GLY D 140 9.14 20.02 -23.44
CA GLY D 140 8.64 19.85 -24.81
C GLY D 140 7.44 18.90 -24.94
N GLN D 141 6.99 18.28 -23.83
CA GLN D 141 5.83 17.41 -23.84
C GLN D 141 4.55 18.16 -23.47
N ASN D 142 3.55 18.11 -24.35
CA ASN D 142 2.23 18.70 -24.14
C ASN D 142 1.55 18.03 -22.96
N VAL D 143 1.01 18.82 -22.02
CA VAL D 143 0.32 18.31 -20.82
C VAL D 143 -1.09 18.91 -20.69
N ILE D 144 -1.63 19.37 -21.82
CA ILE D 144 -2.91 20.06 -21.82
C ILE D 144 -4.04 19.04 -21.78
N GLY D 145 -4.85 19.13 -20.72
CA GLY D 145 -5.98 18.23 -20.56
C GLY D 145 -5.76 17.22 -19.43
N LEU D 146 -4.49 16.94 -19.12
CA LEU D 146 -4.10 16.05 -18.03
C LEU D 146 -4.52 16.64 -16.69
N LYS D 147 -4.78 15.76 -15.71
CA LYS D 147 -5.04 16.14 -14.34
C LYS D 147 -3.75 16.69 -13.72
N ASP D 148 -3.90 17.44 -12.63
CA ASP D 148 -2.79 18.07 -11.94
C ASP D 148 -1.83 16.99 -11.42
N SER D 149 -2.38 15.83 -11.02
CA SER D 149 -1.59 14.72 -10.52
C SER D 149 -0.65 14.22 -11.62
N GLN D 150 -1.14 14.19 -12.86
CA GLN D 150 -0.34 13.71 -13.99
C GLN D 150 0.75 14.73 -14.33
N ILE D 151 0.45 16.02 -14.16
CA ILE D 151 1.42 17.08 -14.40
C ILE D 151 2.54 16.98 -13.36
N ALA D 152 2.16 16.75 -12.08
CA ALA D 152 3.12 16.54 -11.00
C ALA D 152 4.05 15.35 -11.30
N ASP D 153 3.47 14.26 -11.84
CA ASP D 153 4.22 13.04 -12.13
C ASP D 153 5.29 13.34 -13.18
N ILE D 154 4.91 14.09 -14.22
CA ILE D 154 5.82 14.42 -15.31
C ILE D 154 6.94 15.34 -14.81
N LEU D 155 6.63 16.15 -13.80
CA LEU D 155 7.61 17.02 -13.16
C LEU D 155 8.64 16.17 -12.42
N SER D 156 8.18 15.14 -11.68
CA SER D 156 9.08 14.24 -10.95
C SER D 156 9.97 13.44 -11.92
N THR D 157 9.42 12.89 -13.00
CA THR D 157 10.17 12.06 -13.93
C THR D 157 11.09 12.87 -14.87
N SER D 158 11.08 14.20 -14.75
CA SER D 158 12.05 15.05 -15.44
C SER D 158 13.42 14.97 -14.75
N GLY D 159 14.47 15.37 -15.49
CA GLY D 159 15.82 15.46 -14.95
C GLY D 159 15.92 16.46 -13.79
N THR D 160 17.14 16.90 -13.50
CA THR D 160 17.35 17.99 -12.54
C THR D 160 16.85 19.29 -13.17
N VAL D 161 17.13 19.40 -14.47
CA VAL D 161 16.76 20.53 -15.30
C VAL D 161 15.33 20.33 -15.79
N VAL D 162 14.46 21.32 -15.53
CA VAL D 162 13.04 21.29 -15.86
C VAL D 162 12.68 22.55 -16.64
N THR D 163 12.20 22.35 -17.88
CA THR D 163 11.73 23.44 -18.72
C THR D 163 10.21 23.38 -18.75
N ILE D 164 9.55 24.50 -18.45
CA ILE D 164 8.09 24.59 -18.50
C ILE D 164 7.72 25.61 -19.58
N THR D 165 6.75 25.24 -20.41
CA THR D 165 6.20 26.13 -21.42
C THR D 165 4.87 26.67 -20.90
N ILE D 166 4.76 28.01 -20.84
CA ILE D 166 3.60 28.67 -20.24
C ILE D 166 2.93 29.63 -21.22
N MET D 167 1.65 29.89 -20.96
CA MET D 167 0.81 30.80 -21.74
C MET D 167 -0.02 31.66 -20.78
N PRO D 168 -0.13 33.00 -20.99
CA PRO D 168 -1.04 33.82 -20.18
C PRO D 168 -2.45 33.25 -20.13
N ALA D 169 -3.01 33.13 -18.92
CA ALA D 169 -4.30 32.48 -18.70
C ALA D 169 -5.39 33.00 -19.63
N PHE D 170 -5.49 34.33 -19.81
N PHE D 170 -5.45 34.33 -19.78
CA PHE D 170 -6.58 34.92 -20.59
CA PHE D 170 -6.52 34.97 -20.54
C PHE D 170 -6.52 34.47 -22.05
C PHE D 170 -6.50 34.48 -22.01
N ILE D 171 -5.30 34.20 -22.56
CA ILE D 171 -5.13 33.75 -23.93
C ILE D 171 -5.43 32.25 -24.01
N PHE D 172 -4.94 31.48 -23.04
CA PHE D 172 -5.21 30.05 -22.91
C PHE D 172 -6.71 29.77 -22.90
N GLU D 173 -7.45 30.51 -22.07
CA GLU D 173 -8.90 30.37 -21.96
C GLU D 173 -9.58 30.65 -23.30
N HIS D 174 -9.01 31.55 -24.09
CA HIS D 174 -9.56 31.90 -25.39
C HIS D 174 -9.26 30.81 -26.43
N ILE D 175 -8.08 30.17 -26.37
CA ILE D 175 -7.66 29.17 -27.35
C ILE D 175 -8.49 27.90 -27.20
N ILE D 176 -8.87 27.52 -25.98
CA ILE D 176 -9.53 26.24 -25.72
C ILE D 176 -11.06 26.33 -25.84
N LYS D 177 -11.61 27.53 -26.07
CA LYS D 177 -13.05 27.68 -26.30
C LYS D 177 -13.46 27.01 -27.61
N ARG D 178 -14.72 26.54 -27.66
CA ARG D 178 -15.32 25.88 -28.81
C ARG D 178 -14.73 24.47 -28.98
N MET D 179 -14.34 23.85 -27.87
CA MET D 179 -13.70 22.55 -27.89
C MET D 179 -14.11 21.85 -26.60
N ALA D 180 -14.84 20.74 -26.76
CA ALA D 180 -15.48 20.05 -25.66
C ALA D 180 -14.42 19.37 -24.77
N PRO D 181 -14.51 19.50 -23.42
CA PRO D 181 -13.48 18.95 -22.53
C PRO D 181 -13.03 17.52 -22.79
N SER D 182 -13.94 16.68 -23.32
CA SER D 182 -13.75 15.25 -23.51
C SER D 182 -12.86 14.97 -24.74
N ILE D 183 -12.82 15.91 -25.69
CA ILE D 183 -11.98 15.81 -26.87
C ILE D 183 -10.53 16.16 -26.50
N MET D 184 -10.38 17.21 -25.66
CA MET D 184 -9.08 17.72 -25.25
C MET D 184 -8.35 16.66 -24.43
N LYS D 185 -9.11 15.99 -23.53
CA LYS D 185 -8.59 14.97 -22.64
C LYS D 185 -8.18 13.71 -23.41
N SER D 186 -9.00 13.29 -24.39
CA SER D 186 -8.88 11.99 -25.01
C SER D 186 -8.01 12.01 -26.26
N LEU D 187 -7.89 13.16 -26.96
CA LEU D 187 -7.21 13.18 -28.25
C LEU D 187 -5.83 13.85 -28.23
N MET D 188 -5.56 14.72 -27.24
CA MET D 188 -4.42 15.62 -27.34
C MET D 188 -3.10 14.83 -27.33
N ASP D 189 -2.20 15.18 -28.25
CA ASP D 189 -0.85 14.63 -28.37
C ASP D 189 -0.04 14.90 -27.11
N HIS D 190 0.42 13.84 -26.43
CA HIS D 190 1.26 13.94 -25.25
C HIS D 190 2.60 13.20 -25.47
N THR D 191 2.90 12.85 -26.71
CA THR D 191 4.09 12.05 -26.98
C THR D 191 5.35 12.90 -26.83
N ILE D 192 6.48 12.22 -26.62
CA ILE D 192 7.81 12.82 -26.55
C ILE D 192 8.77 12.16 -27.53
N PRO D 193 9.99 12.71 -27.77
CA PRO D 193 10.89 12.16 -28.79
C PRO D 193 11.36 10.73 -28.45
N GLU D 194 11.71 10.52 -27.18
CA GLU D 194 12.16 9.26 -26.62
C GLU D 194 12.19 9.35 -25.10
N VAL D 195 12.58 8.24 -24.44
CA VAL D 195 12.68 8.18 -22.99
C VAL D 195 14.07 7.70 -22.52
#